data_8D3O
#
_entry.id   8D3O
#
_cell.length_a   91.104
_cell.length_b   115.045
_cell.length_c   122.167
_cell.angle_alpha   90.000
_cell.angle_beta   90.000
_cell.angle_gamma   90.000
#
_symmetry.space_group_name_H-M   'P 21 21 21'
#
loop_
_entity.id
_entity.type
_entity.pdbx_description
1 polymer 'Apoptosis-inducing factor 1, mitochondrial'
2 polymer 'Apoptosis-inducing factor (AIF), unidentified helix'
3 non-polymer 8-methoxyquinolin-4-amine
4 non-polymer 1,2-ETHANEDIOL
5 non-polymer 'FLAVIN-ADENINE DINUCLEOTIDE'
6 non-polymer 'SULFATE ION'
7 water water
#
loop_
_entity_poly.entity_id
_entity_poly.type
_entity_poly.pdbx_seq_one_letter_code
_entity_poly.pdbx_strand_id
1 'polypeptide(L)'
;MVGAGAYAYKTMKEDEKRYNERISGLGLTPEQKQKKAALSASEGEEVPQDKAPSHVPFLLIGGGTAAFAAARSIRARDPG
ARVLIVSEDPELPYMRPPLSKELWFSDDPNVTKTLRFKQWNGKERSIYFQPPSFYVSAQDLPHIENGGVAVLTGKKVVQL
DVRDNMVKLNDGSQITYEKCLIATGGTPRSLSAIDRAGAEVKSRTTLFRKIGDFRSLEKISREVKSITIIGGGFLGSELA
CALGRKARALGTEVIQLFPEKGNMGKILPEYLSNWTMEKVRREGVKVMPNAIVQSVGVSSGKLLIKLKDGRKVETDHIVA
AVGLEPNVELAKTGGLEIDSDFGGFRVNAELQARSNIWVAGDAACFYDIKLGRRRVEHHDHAVVSGRLAGENMTGAAKPY
WHQSMFWSDLGPDVGYEAIGLVDSSLPTVGVFAKATAQDNPKSATEQSGTGIRSESETESEASEITIPPSTPAVPQAPVQ
GEDYGKGVIFYLRDKVVVGIVLWNIFNRMPIARKIIKDGEQHEDLNEVAKLFNIHEDLEVLFQ
;
A,B
2 'polypeptide(L)' (UNK)(UNK)(UNK)(UNK)(UNK)(UNK)(UNK) D
#
# COMPACT_ATOMS: atom_id res chain seq x y z
N LYS A 51 -9.49 -33.44 -16.80
CA LYS A 51 -8.66 -32.78 -17.81
C LYS A 51 -7.52 -32.00 -17.16
N ALA A 52 -7.88 -31.04 -16.32
CA ALA A 52 -6.88 -30.23 -15.65
C ALA A 52 -6.08 -31.10 -14.68
N PRO A 53 -4.75 -30.98 -14.66
CA PRO A 53 -3.96 -31.75 -13.70
C PRO A 53 -4.21 -31.29 -12.27
N SER A 54 -3.72 -32.10 -11.33
CA SER A 54 -3.92 -31.79 -9.92
C SER A 54 -2.87 -30.83 -9.39
N HIS A 55 -1.68 -30.83 -9.96
CA HIS A 55 -0.60 -29.95 -9.53
C HIS A 55 0.15 -29.43 -10.75
N VAL A 56 0.55 -28.16 -10.68
CA VAL A 56 1.32 -27.53 -11.75
C VAL A 56 2.39 -26.64 -11.11
N PRO A 57 3.63 -26.61 -11.63
CA PRO A 57 4.62 -25.70 -11.04
C PRO A 57 4.24 -24.23 -11.17
N PHE A 58 3.87 -23.79 -12.38
CA PHE A 58 3.52 -22.40 -12.62
C PHE A 58 2.07 -22.33 -13.07
N LEU A 59 1.27 -21.55 -12.35
CA LEU A 59 -0.15 -21.38 -12.64
C LEU A 59 -0.40 -19.92 -12.96
N LEU A 60 -0.84 -19.64 -14.19
CA LEU A 60 -1.17 -18.30 -14.64
C LEU A 60 -2.69 -18.20 -14.75
N ILE A 61 -3.28 -17.27 -13.99
CA ILE A 61 -4.73 -17.11 -13.94
C ILE A 61 -5.09 -16.00 -14.93
N GLY A 62 -5.78 -16.37 -15.99
CA GLY A 62 -6.12 -15.46 -17.07
C GLY A 62 -5.31 -15.82 -18.31
N GLY A 63 -5.95 -15.75 -19.46
CA GLY A 63 -5.31 -16.12 -20.72
C GLY A 63 -5.17 -14.96 -21.67
N GLY A 64 -4.61 -13.85 -21.18
CA GLY A 64 -4.44 -12.67 -21.99
C GLY A 64 -3.00 -12.33 -22.29
N THR A 65 -2.74 -11.04 -22.54
CA THR A 65 -1.40 -10.60 -22.93
C THR A 65 -0.39 -10.78 -21.80
N ALA A 66 -0.78 -10.45 -20.57
CA ALA A 66 0.15 -10.57 -19.46
C ALA A 66 0.49 -12.03 -19.16
N ALA A 67 -0.52 -12.92 -19.22
CA ALA A 67 -0.26 -14.32 -18.96
C ALA A 67 0.65 -14.92 -20.03
N PHE A 68 0.44 -14.56 -21.30
CA PHE A 68 1.27 -15.15 -22.35
C PHE A 68 2.72 -14.67 -22.25
N ALA A 69 2.91 -13.38 -21.99
CA ALA A 69 4.28 -12.86 -21.84
C ALA A 69 4.99 -13.55 -20.68
N ALA A 70 4.26 -13.81 -19.59
CA ALA A 70 4.87 -14.49 -18.45
C ALA A 70 5.21 -15.93 -18.79
N ALA A 71 4.31 -16.62 -19.50
CA ALA A 71 4.58 -18.00 -19.90
C ALA A 71 5.84 -18.07 -20.75
N ARG A 72 5.98 -17.16 -21.73
CA ARG A 72 7.18 -17.13 -22.55
C ARG A 72 8.40 -16.81 -21.70
N SER A 73 8.26 -15.88 -20.75
CA SER A 73 9.38 -15.52 -19.89
C SER A 73 9.81 -16.69 -19.02
N ILE A 74 8.85 -17.42 -18.45
CA ILE A 74 9.17 -18.57 -17.61
C ILE A 74 9.89 -19.64 -18.41
N ARG A 75 9.40 -19.92 -19.63
CA ARG A 75 10.02 -20.96 -20.45
C ARG A 75 11.45 -20.58 -20.82
N ALA A 76 11.70 -19.29 -21.08
CA ALA A 76 13.04 -18.85 -21.43
C ALA A 76 13.98 -18.79 -20.23
N ARG A 77 13.44 -18.55 -19.03
CA ARG A 77 14.26 -18.47 -17.84
C ARG A 77 14.46 -19.83 -17.17
N ASP A 78 13.46 -20.71 -17.23
CA ASP A 78 13.51 -22.04 -16.62
C ASP A 78 13.25 -23.07 -17.72
N PRO A 79 14.29 -23.48 -18.45
CA PRO A 79 14.10 -24.49 -19.49
C PRO A 79 13.41 -25.73 -18.92
N GLY A 80 12.44 -26.24 -19.67
CA GLY A 80 11.66 -27.38 -19.22
C GLY A 80 10.52 -27.05 -18.29
N ALA A 81 10.27 -25.78 -18.02
CA ALA A 81 9.19 -25.40 -17.12
C ALA A 81 7.85 -25.90 -17.62
N ARG A 82 6.96 -26.21 -16.68
CA ARG A 82 5.59 -26.66 -16.98
C ARG A 82 4.64 -25.57 -16.50
N VAL A 83 3.99 -24.89 -17.45
CA VAL A 83 3.18 -23.70 -17.18
C VAL A 83 1.75 -23.99 -17.62
N LEU A 84 0.79 -23.74 -16.72
CA LEU A 84 -0.63 -23.92 -17.00
C LEU A 84 -1.32 -22.56 -16.96
N ILE A 85 -2.01 -22.22 -18.04
CA ILE A 85 -2.82 -21.02 -18.12
C ILE A 85 -4.29 -21.44 -18.00
N VAL A 86 -5.00 -20.83 -17.06
CA VAL A 86 -6.44 -21.05 -16.90
C VAL A 86 -7.16 -19.81 -17.41
N SER A 87 -7.93 -19.97 -18.48
CA SER A 87 -8.58 -18.86 -19.17
C SER A 87 -10.08 -19.11 -19.27
N GLU A 88 -10.87 -18.12 -18.84
CA GLU A 88 -12.31 -18.25 -18.93
C GLU A 88 -12.78 -18.09 -20.38
N ASP A 89 -12.02 -17.39 -21.22
CA ASP A 89 -12.40 -17.21 -22.61
C ASP A 89 -12.12 -18.50 -23.39
N PRO A 90 -13.00 -18.89 -24.32
CA PRO A 90 -12.73 -20.08 -25.14
C PRO A 90 -11.56 -19.91 -26.10
N GLU A 91 -11.06 -18.69 -26.29
CA GLU A 91 -10.00 -18.41 -27.26
C GLU A 91 -8.63 -18.55 -26.60
N LEU A 92 -7.63 -18.84 -27.43
CA LEU A 92 -6.26 -18.83 -26.97
C LEU A 92 -5.79 -17.39 -26.80
N PRO A 93 -4.69 -17.17 -26.08
CA PRO A 93 -4.21 -15.79 -25.88
C PRO A 93 -4.03 -15.06 -27.20
N TYR A 94 -4.55 -13.83 -27.25
CA TYR A 94 -4.46 -13.01 -28.45
C TYR A 94 -4.30 -11.55 -28.06
N MET A 95 -3.75 -10.77 -28.98
CA MET A 95 -3.57 -9.34 -28.77
C MET A 95 -4.84 -8.60 -29.18
N ARG A 96 -5.16 -7.56 -28.42
CA ARG A 96 -6.42 -6.85 -28.57
C ARG A 96 -6.32 -5.55 -29.39
N PRO A 97 -5.18 -4.89 -29.48
CA PRO A 97 -5.10 -3.63 -30.23
C PRO A 97 -5.67 -3.76 -31.63
N PRO A 98 -5.37 -4.84 -32.36
CA PRO A 98 -5.93 -4.97 -33.72
C PRO A 98 -7.44 -4.95 -33.76
N LEU A 99 -8.12 -5.29 -32.67
CA LEU A 99 -9.58 -5.36 -32.69
C LEU A 99 -10.23 -4.01 -32.97
N SER A 100 -9.51 -2.91 -32.72
CA SER A 100 -10.04 -1.57 -32.99
C SER A 100 -9.25 -0.84 -34.06
N LYS A 101 -8.35 -1.52 -34.78
CA LYS A 101 -7.52 -0.86 -35.76
C LYS A 101 -7.32 -1.72 -37.01
N GLU A 102 -6.18 -2.43 -37.09
CA GLU A 102 -5.79 -3.05 -38.35
C GLU A 102 -6.86 -3.99 -38.90
N LEU A 103 -7.57 -4.69 -38.01
CA LEU A 103 -8.59 -5.63 -38.49
C LEU A 103 -9.72 -4.93 -39.24
N TRP A 104 -9.93 -3.64 -38.99
CA TRP A 104 -10.97 -2.89 -39.70
C TRP A 104 -10.50 -2.28 -41.02
N PHE A 105 -9.19 -2.09 -41.20
CA PHE A 105 -8.65 -1.51 -42.41
C PHE A 105 -8.19 -2.63 -43.35
N SER A 106 -9.17 -3.29 -43.96
CA SER A 106 -8.90 -4.40 -44.87
C SER A 106 -10.11 -4.69 -45.74
N PRO A 109 -11.41 -8.94 -46.34
CA PRO A 109 -12.79 -9.38 -46.54
C PRO A 109 -13.14 -10.61 -45.71
N ASN A 110 -12.18 -11.53 -45.59
CA ASN A 110 -12.33 -12.70 -44.74
C ASN A 110 -11.66 -12.51 -43.37
N VAL A 111 -11.46 -11.26 -42.95
CA VAL A 111 -10.69 -11.00 -41.74
C VAL A 111 -11.47 -11.46 -40.50
N THR A 112 -12.80 -11.31 -40.52
CA THR A 112 -13.59 -11.72 -39.37
C THR A 112 -13.45 -13.22 -39.09
N LYS A 113 -13.14 -14.00 -40.12
CA LYS A 113 -12.97 -15.45 -39.95
C LYS A 113 -11.51 -15.82 -39.70
N THR A 114 -10.60 -15.30 -40.52
CA THR A 114 -9.19 -15.64 -40.37
C THR A 114 -8.54 -14.93 -39.19
N LEU A 115 -9.04 -13.76 -38.82
CA LEU A 115 -8.45 -12.95 -37.75
C LEU A 115 -6.97 -12.68 -38.03
N ARG A 116 -6.61 -12.54 -39.30
CA ARG A 116 -5.30 -12.09 -39.73
C ARG A 116 -5.42 -10.65 -40.24
N PHE A 117 -4.38 -9.86 -39.99
CA PHE A 117 -4.39 -8.45 -40.34
C PHE A 117 -3.04 -8.06 -40.92
N LYS A 118 -3.06 -7.01 -41.74
CA LYS A 118 -1.85 -6.45 -42.34
C LYS A 118 -1.41 -5.23 -41.54
N GLN A 119 -0.23 -5.31 -40.93
CA GLN A 119 0.34 -4.16 -40.28
C GLN A 119 0.43 -2.99 -41.25
N TRP A 120 0.54 -1.77 -40.70
CA TRP A 120 0.59 -0.58 -41.55
C TRP A 120 1.73 -0.67 -42.57
N ASN A 121 2.79 -1.40 -42.24
CA ASN A 121 3.89 -1.57 -43.20
C ASN A 121 3.51 -2.54 -44.31
N GLY A 122 2.70 -3.56 -44.00
CA GLY A 122 2.26 -4.51 -44.99
C GLY A 122 2.35 -5.94 -44.54
N LYS A 123 3.31 -6.25 -43.66
CA LYS A 123 3.48 -7.61 -43.18
C LYS A 123 2.20 -8.11 -42.52
N GLU A 124 1.79 -9.32 -42.89
CA GLU A 124 0.57 -9.91 -42.37
C GLU A 124 0.89 -10.76 -41.14
N ARG A 125 -0.01 -10.73 -40.16
CA ARG A 125 0.19 -11.48 -38.93
C ARG A 125 -1.16 -11.90 -38.37
N SER A 126 -1.14 -12.90 -37.51
CA SER A 126 -2.33 -13.38 -36.83
C SER A 126 -2.52 -12.63 -35.51
N ILE A 127 -3.78 -12.60 -35.05
CA ILE A 127 -4.09 -11.92 -33.80
C ILE A 127 -3.60 -12.72 -32.60
N TYR A 128 -3.50 -14.03 -32.74
CA TYR A 128 -3.02 -14.87 -31.64
C TYR A 128 -1.52 -14.72 -31.48
N PHE A 129 -1.06 -14.76 -30.24
CA PHE A 129 0.37 -14.65 -29.98
C PHE A 129 1.15 -15.80 -30.61
N GLN A 130 0.58 -16.99 -30.58
CA GLN A 130 1.21 -18.17 -31.16
C GLN A 130 0.12 -19.09 -31.71
N PRO A 131 0.42 -19.91 -32.71
CA PRO A 131 -0.57 -20.89 -33.17
C PRO A 131 -0.75 -22.00 -32.14
N PRO A 132 -1.83 -22.78 -32.24
CA PRO A 132 -2.04 -23.87 -31.29
C PRO A 132 -0.87 -24.84 -31.24
N SER A 133 -0.04 -24.85 -32.28
CA SER A 133 1.13 -25.71 -32.29
C SER A 133 2.07 -25.40 -31.14
N PHE A 134 2.11 -24.14 -30.70
CA PHE A 134 3.02 -23.73 -29.64
C PHE A 134 2.64 -24.33 -28.28
N TYR A 135 1.39 -24.74 -28.10
CA TYR A 135 0.89 -25.16 -26.80
C TYR A 135 0.80 -26.68 -26.71
N VAL A 136 0.70 -27.17 -25.47
CA VAL A 136 0.49 -28.57 -25.18
C VAL A 136 -0.80 -28.71 -24.38
N SER A 137 -1.36 -29.91 -24.39
CA SER A 137 -2.59 -30.16 -23.66
C SER A 137 -2.34 -30.19 -22.16
N ALA A 138 -3.32 -29.69 -21.40
CA ALA A 138 -3.21 -29.69 -19.94
C ALA A 138 -3.10 -31.11 -19.40
N GLN A 139 -3.68 -32.08 -20.10
CA GLN A 139 -3.63 -33.47 -19.62
C GLN A 139 -2.22 -34.02 -19.72
N ASP A 140 -1.53 -33.74 -20.83
CA ASP A 140 -0.18 -34.24 -21.05
C ASP A 140 0.90 -33.34 -20.47
N LEU A 141 0.53 -32.17 -19.95
CA LEU A 141 1.53 -31.23 -19.43
C LEU A 141 2.43 -31.87 -18.37
N PRO A 142 1.94 -32.67 -17.42
CA PRO A 142 2.85 -33.26 -16.43
C PRO A 142 3.76 -34.34 -16.99
N HIS A 143 3.46 -34.88 -18.17
CA HIS A 143 4.19 -36.03 -18.70
C HIS A 143 5.07 -35.70 -19.89
N ILE A 144 4.76 -34.64 -20.64
CA ILE A 144 5.55 -34.31 -21.82
C ILE A 144 6.99 -34.03 -21.43
N GLU A 145 7.92 -34.57 -22.21
CA GLU A 145 9.34 -34.37 -21.96
C GLU A 145 9.71 -32.91 -22.17
N ASN A 146 10.42 -32.34 -21.20
CA ASN A 146 10.85 -30.94 -21.24
C ASN A 146 9.66 -29.98 -21.20
N GLY A 147 8.50 -30.44 -20.73
CA GLY A 147 7.39 -29.58 -20.39
C GLY A 147 6.84 -28.76 -21.56
N GLY A 148 6.16 -27.69 -21.21
CA GLY A 148 5.54 -26.83 -22.19
C GLY A 148 4.54 -25.90 -21.53
N VAL A 149 3.74 -25.25 -22.38
CA VAL A 149 2.70 -24.32 -21.94
C VAL A 149 1.35 -24.88 -22.39
N ALA A 150 0.43 -25.01 -21.44
CA ALA A 150 -0.92 -25.47 -21.72
C ALA A 150 -1.92 -24.41 -21.30
N VAL A 151 -3.03 -24.34 -22.04
CA VAL A 151 -4.10 -23.39 -21.77
C VAL A 151 -5.39 -24.17 -21.54
N LEU A 152 -6.01 -23.96 -20.39
CA LEU A 152 -7.29 -24.57 -20.05
C LEU A 152 -8.36 -23.53 -20.33
N THR A 153 -8.96 -23.59 -21.52
CA THR A 153 -9.95 -22.60 -21.93
C THR A 153 -11.32 -22.97 -21.39
N GLY A 154 -12.21 -21.97 -21.41
CA GLY A 154 -13.56 -22.18 -20.92
C GLY A 154 -13.66 -22.51 -19.45
N LYS A 155 -12.63 -22.15 -18.67
CA LYS A 155 -12.60 -22.43 -17.24
C LYS A 155 -12.21 -21.16 -16.49
N LYS A 156 -12.87 -20.94 -15.35
CA LYS A 156 -12.68 -19.74 -14.56
C LYS A 156 -12.26 -20.13 -13.14
N VAL A 157 -11.18 -19.50 -12.66
CA VAL A 157 -10.81 -19.65 -11.26
C VAL A 157 -11.78 -18.84 -10.41
N VAL A 158 -12.49 -19.52 -9.52
CA VAL A 158 -13.50 -18.89 -8.69
C VAL A 158 -13.09 -18.77 -7.22
N GLN A 159 -12.04 -19.46 -6.79
CA GLN A 159 -11.59 -19.39 -5.42
C GLN A 159 -10.08 -19.55 -5.38
N LEU A 160 -9.44 -18.77 -4.52
CA LEU A 160 -7.99 -18.78 -4.36
C LEU A 160 -7.65 -19.00 -2.89
N ASP A 161 -6.87 -20.04 -2.60
CA ASP A 161 -6.44 -20.37 -1.25
C ASP A 161 -4.94 -20.09 -1.15
N VAL A 162 -4.59 -18.92 -0.65
CA VAL A 162 -3.19 -18.50 -0.61
C VAL A 162 -2.39 -19.37 0.35
N ARG A 163 -3.00 -19.79 1.46
CA ARG A 163 -2.27 -20.55 2.45
C ARG A 163 -1.83 -21.91 1.92
N ASP A 164 -2.72 -22.59 1.18
CA ASP A 164 -2.45 -23.93 0.68
C ASP A 164 -2.01 -23.93 -0.78
N ASN A 165 -1.76 -22.76 -1.37
CA ASN A 165 -1.34 -22.65 -2.76
C ASN A 165 -2.26 -23.47 -3.67
N MET A 166 -3.55 -23.14 -3.61
CA MET A 166 -4.57 -23.90 -4.30
C MET A 166 -5.63 -22.96 -4.86
N VAL A 167 -6.17 -23.33 -6.02
CA VAL A 167 -7.32 -22.65 -6.61
C VAL A 167 -8.40 -23.68 -6.89
N LYS A 168 -9.64 -23.20 -6.94
CA LYS A 168 -10.78 -24.02 -7.29
C LYS A 168 -11.45 -23.41 -8.52
N LEU A 169 -11.72 -24.23 -9.51
CA LEU A 169 -12.31 -23.78 -10.76
C LEU A 169 -13.83 -23.77 -10.65
N ASN A 170 -14.48 -23.20 -11.68
CA ASN A 170 -15.93 -23.11 -11.69
C ASN A 170 -16.60 -24.48 -11.76
N ASP A 171 -15.88 -25.51 -12.18
CA ASP A 171 -16.43 -26.86 -12.27
C ASP A 171 -16.07 -27.72 -11.05
N GLY A 172 -15.60 -27.11 -9.96
CA GLY A 172 -15.22 -27.83 -8.77
C GLY A 172 -13.81 -28.39 -8.78
N SER A 173 -13.12 -28.35 -9.92
CA SER A 173 -11.76 -28.86 -9.98
C SER A 173 -10.85 -28.00 -9.11
N GLN A 174 -9.90 -28.66 -8.44
CA GLN A 174 -8.91 -28.00 -7.60
C GLN A 174 -7.51 -28.25 -8.15
N ILE A 175 -6.70 -27.20 -8.16
CA ILE A 175 -5.35 -27.26 -8.69
C ILE A 175 -4.40 -26.63 -7.68
N THR A 176 -3.37 -27.37 -7.29
CA THR A 176 -2.31 -26.83 -6.45
C THR A 176 -1.17 -26.33 -7.33
N TYR A 177 -0.50 -25.27 -6.85
CA TYR A 177 0.56 -24.63 -7.60
C TYR A 177 1.74 -24.37 -6.67
N GLU A 178 2.90 -24.11 -7.29
CA GLU A 178 4.09 -23.64 -6.58
C GLU A 178 4.30 -22.13 -6.75
N LYS A 179 4.03 -21.61 -7.94
CA LYS A 179 4.08 -20.18 -8.22
C LYS A 179 2.83 -19.82 -9.01
N CYS A 180 2.26 -18.66 -8.68
CA CYS A 180 0.99 -18.24 -9.27
C CYS A 180 1.08 -16.79 -9.72
N LEU A 181 0.57 -16.54 -10.93
CA LEU A 181 0.42 -15.19 -11.46
C LEU A 181 -1.07 -14.90 -11.64
N ILE A 182 -1.52 -13.78 -11.09
CA ILE A 182 -2.87 -13.28 -11.34
C ILE A 182 -2.78 -12.29 -12.50
N ALA A 183 -3.41 -12.63 -13.61
CA ALA A 183 -3.41 -11.80 -14.81
C ALA A 183 -4.82 -11.76 -15.39
N THR A 184 -5.77 -11.29 -14.58
CA THR A 184 -7.18 -11.34 -14.89
C THR A 184 -7.67 -10.13 -15.67
N GLY A 185 -6.81 -9.15 -15.92
CA GLY A 185 -7.23 -7.99 -16.70
C GLY A 185 -8.42 -7.28 -16.06
N GLY A 186 -9.40 -6.94 -16.88
CA GLY A 186 -10.57 -6.22 -16.39
C GLY A 186 -11.74 -6.37 -17.34
N THR A 187 -12.90 -5.91 -16.88
CA THR A 187 -14.13 -5.96 -17.66
C THR A 187 -14.62 -4.56 -17.98
N PRO A 188 -15.12 -4.31 -19.19
CA PRO A 188 -15.53 -2.94 -19.55
C PRO A 188 -16.58 -2.40 -18.60
N ARG A 189 -16.49 -1.10 -18.32
CA ARG A 189 -17.50 -0.42 -17.53
C ARG A 189 -18.73 -0.14 -18.37
N SER A 190 -19.88 -0.08 -17.70
CA SER A 190 -21.15 0.26 -18.33
C SER A 190 -21.73 1.50 -17.66
N LEU A 191 -22.32 2.38 -18.46
CA LEU A 191 -22.92 3.59 -17.91
C LEU A 191 -24.23 3.26 -17.21
N SER A 192 -24.47 3.94 -16.09
CA SER A 192 -25.68 3.69 -15.32
C SER A 192 -26.94 3.95 -16.15
N ALA A 193 -26.86 4.85 -17.13
CA ALA A 193 -28.02 5.13 -17.96
C ALA A 193 -28.45 3.89 -18.73
N ILE A 194 -27.49 3.11 -19.24
CA ILE A 194 -27.82 1.91 -19.98
C ILE A 194 -28.30 0.82 -19.03
N ASP A 195 -27.80 0.80 -17.80
CA ASP A 195 -28.19 -0.25 -16.86
C ASP A 195 -29.67 -0.15 -16.49
N ARG A 196 -30.19 1.08 -16.38
CA ARG A 196 -31.59 1.31 -16.07
C ARG A 196 -32.42 1.60 -17.31
N ALA A 197 -32.03 1.06 -18.47
CA ALA A 197 -32.69 1.33 -19.73
C ALA A 197 -33.54 0.16 -20.24
N GLY A 198 -33.44 -1.00 -19.63
CA GLY A 198 -34.22 -2.15 -20.06
C GLY A 198 -33.44 -3.06 -21.00
N ALA A 199 -33.90 -4.30 -21.11
CA ALA A 199 -33.21 -5.29 -21.92
C ALA A 199 -33.11 -4.85 -23.37
N GLU A 200 -34.13 -4.16 -23.89
CA GLU A 200 -34.10 -3.71 -25.28
C GLU A 200 -32.86 -2.85 -25.55
N VAL A 201 -32.69 -1.78 -24.78
CA VAL A 201 -31.54 -0.90 -24.98
C VAL A 201 -30.24 -1.64 -24.70
N LYS A 202 -30.23 -2.46 -23.65
CA LYS A 202 -29.00 -3.16 -23.28
C LYS A 202 -28.63 -4.23 -24.28
N SER A 203 -29.61 -4.89 -24.90
CA SER A 203 -29.32 -5.88 -25.93
C SER A 203 -28.76 -5.24 -27.20
N ARG A 204 -28.90 -3.92 -27.34
CA ARG A 204 -28.39 -3.20 -28.50
C ARG A 204 -27.20 -2.32 -28.15
N THR A 205 -26.52 -2.62 -27.04
CA THR A 205 -25.34 -1.89 -26.60
C THR A 205 -24.16 -2.86 -26.53
N THR A 206 -23.03 -2.46 -27.10
CA THR A 206 -21.86 -3.33 -27.22
C THR A 206 -20.76 -2.81 -26.30
N LEU A 207 -20.19 -3.71 -25.50
CA LEU A 207 -19.00 -3.43 -24.69
C LEU A 207 -17.81 -4.06 -25.42
N PHE A 208 -17.02 -3.23 -26.08
CA PHE A 208 -15.98 -3.71 -26.99
C PHE A 208 -14.76 -4.15 -26.20
N ARG A 209 -14.44 -5.45 -26.26
CA ARG A 209 -13.30 -5.99 -25.52
C ARG A 209 -12.69 -7.20 -26.22
N LYS A 210 -13.51 -8.14 -26.67
CA LYS A 210 -13.05 -9.45 -27.11
C LYS A 210 -13.27 -9.65 -28.60
N ILE A 211 -12.75 -10.78 -29.09
CA ILE A 211 -12.94 -11.14 -30.50
C ILE A 211 -14.42 -11.19 -30.84
N GLY A 212 -15.25 -11.68 -29.91
CA GLY A 212 -16.68 -11.75 -30.17
C GLY A 212 -17.29 -10.37 -30.36
N ASP A 213 -16.80 -9.37 -29.62
CA ASP A 213 -17.32 -8.02 -29.76
C ASP A 213 -16.95 -7.43 -31.11
N PHE A 214 -15.75 -7.73 -31.60
CA PHE A 214 -15.35 -7.25 -32.93
C PHE A 214 -16.25 -7.85 -34.00
N ARG A 215 -16.53 -9.15 -33.91
CA ARG A 215 -17.36 -9.80 -34.92
C ARG A 215 -18.79 -9.29 -34.88
N SER A 216 -19.37 -9.17 -33.67
CA SER A 216 -20.76 -8.71 -33.58
C SER A 216 -20.90 -7.28 -34.07
N LEU A 217 -19.93 -6.41 -33.75
CA LEU A 217 -20.02 -5.02 -34.17
C LEU A 217 -19.72 -4.87 -35.65
N GLU A 218 -18.83 -5.70 -36.19
CA GLU A 218 -18.56 -5.66 -37.63
C GLU A 218 -19.78 -6.06 -38.43
N LYS A 219 -20.54 -7.05 -37.95
CA LYS A 219 -21.76 -7.45 -38.62
C LYS A 219 -22.82 -6.34 -38.52
N ILE A 220 -22.86 -5.64 -37.38
CA ILE A 220 -23.84 -4.58 -37.22
C ILE A 220 -23.51 -3.39 -38.12
N SER A 221 -22.23 -3.13 -38.35
CA SER A 221 -21.85 -2.03 -39.24
C SER A 221 -22.33 -2.24 -40.67
N ARG A 222 -22.75 -3.46 -41.03
CA ARG A 222 -23.25 -3.77 -42.36
C ARG A 222 -24.75 -4.01 -42.38
N GLU A 223 -25.44 -3.75 -41.26
CA GLU A 223 -26.86 -4.06 -41.16
C GLU A 223 -27.68 -2.83 -40.75
N VAL A 224 -27.11 -1.98 -39.92
CA VAL A 224 -27.82 -0.80 -39.43
C VAL A 224 -27.28 0.43 -40.15
N LYS A 225 -28.00 1.54 -40.01
CA LYS A 225 -27.61 2.79 -40.67
C LYS A 225 -26.84 3.74 -39.77
N SER A 226 -26.98 3.63 -38.45
CA SER A 226 -26.37 4.59 -37.53
C SER A 226 -25.83 3.86 -36.30
N ILE A 227 -24.58 4.14 -35.96
CA ILE A 227 -23.94 3.62 -34.77
C ILE A 227 -23.40 4.79 -33.96
N THR A 228 -23.63 4.77 -32.66
CA THR A 228 -23.18 5.83 -31.76
C THR A 228 -22.16 5.27 -30.78
N ILE A 229 -21.03 5.97 -30.66
CA ILE A 229 -19.97 5.60 -29.73
C ILE A 229 -20.02 6.56 -28.56
N ILE A 230 -20.14 6.01 -27.35
CA ILE A 230 -20.14 6.80 -26.12
C ILE A 230 -18.79 6.59 -25.45
N GLY A 231 -17.96 7.63 -25.47
CA GLY A 231 -16.61 7.54 -24.94
C GLY A 231 -15.62 8.28 -25.81
N GLY A 232 -14.83 9.16 -25.22
CA GLY A 232 -13.86 9.94 -25.95
C GLY A 232 -12.42 9.49 -25.81
N GLY A 233 -12.18 8.39 -25.12
CA GLY A 233 -10.82 7.91 -24.95
C GLY A 233 -10.26 7.35 -26.24
N PHE A 234 -9.12 6.67 -26.11
CA PHE A 234 -8.45 6.10 -27.28
C PHE A 234 -9.30 5.02 -27.93
N LEU A 235 -9.93 4.15 -27.12
CA LEU A 235 -10.77 3.09 -27.68
C LEU A 235 -11.92 3.69 -28.49
N GLY A 236 -12.65 4.64 -27.91
CA GLY A 236 -13.76 5.24 -28.60
C GLY A 236 -13.35 5.96 -29.87
N SER A 237 -12.19 6.64 -29.83
CA SER A 237 -11.73 7.38 -31.00
C SER A 237 -11.28 6.43 -32.10
N GLU A 238 -10.59 5.35 -31.73
CA GLU A 238 -10.16 4.38 -32.74
C GLU A 238 -11.34 3.68 -33.39
N LEU A 239 -12.35 3.31 -32.58
CA LEU A 239 -13.56 2.71 -33.14
C LEU A 239 -14.28 3.68 -34.05
N ALA A 240 -14.29 4.97 -33.70
CA ALA A 240 -14.92 5.96 -34.55
C ALA A 240 -14.24 6.03 -35.91
N CYS A 241 -12.90 6.09 -35.92
CA CYS A 241 -12.18 6.13 -37.18
C CYS A 241 -12.38 4.84 -37.97
N ALA A 242 -12.40 3.70 -37.29
CA ALA A 242 -12.60 2.42 -37.96
C ALA A 242 -14.00 2.34 -38.55
N LEU A 243 -15.03 2.52 -37.71
CA LEU A 243 -16.39 2.55 -38.23
C LEU A 243 -16.58 3.69 -39.22
N GLY A 244 -15.81 4.77 -39.08
CA GLY A 244 -15.92 5.87 -40.02
C GLY A 244 -15.55 5.46 -41.43
N ARG A 245 -14.42 4.77 -41.59
CA ARG A 245 -14.04 4.27 -42.90
C ARG A 245 -15.09 3.30 -43.44
N LYS A 246 -15.54 2.38 -42.59
N LYS A 246 -15.56 2.38 -42.59
CA LYS A 246 -16.60 1.44 -43.00
CA LYS A 246 -16.59 1.45 -43.00
C LYS A 246 -17.83 2.18 -43.49
C LYS A 246 -17.83 2.18 -43.49
N ALA A 247 -18.22 3.26 -42.80
CA ALA A 247 -19.43 3.98 -43.15
C ALA A 247 -19.24 4.86 -44.39
N ARG A 248 -18.02 5.30 -44.67
CA ARG A 248 -17.79 6.10 -45.87
C ARG A 248 -18.07 5.31 -47.14
N ALA A 249 -17.83 3.99 -47.11
CA ALA A 249 -18.06 3.14 -48.26
C ALA A 249 -19.51 2.67 -48.35
N LEU A 250 -20.19 2.53 -47.22
CA LEU A 250 -21.57 2.07 -47.18
C LEU A 250 -22.58 3.20 -47.09
N GLY A 251 -22.12 4.45 -46.92
CA GLY A 251 -23.03 5.57 -46.83
C GLY A 251 -23.84 5.63 -45.56
N THR A 252 -23.31 5.09 -44.46
CA THR A 252 -24.00 5.05 -43.19
C THR A 252 -23.48 6.18 -42.28
N GLU A 253 -23.91 6.17 -41.03
CA GLU A 253 -23.62 7.23 -40.08
C GLU A 253 -22.89 6.68 -38.86
N VAL A 254 -21.93 7.45 -38.37
CA VAL A 254 -21.20 7.12 -37.14
C VAL A 254 -21.16 8.38 -36.27
N ILE A 255 -21.53 8.23 -35.00
CA ILE A 255 -21.57 9.33 -34.04
C ILE A 255 -20.69 8.98 -32.86
N GLN A 256 -19.92 9.95 -32.38
CA GLN A 256 -19.13 9.83 -31.16
C GLN A 256 -19.45 11.01 -30.26
N LEU A 257 -19.89 10.73 -29.04
CA LEU A 257 -20.16 11.76 -28.05
C LEU A 257 -19.43 11.42 -26.75
N PHE A 258 -19.05 12.46 -26.02
CA PHE A 258 -18.33 12.31 -24.77
C PHE A 258 -18.44 13.62 -23.99
N PRO A 259 -18.21 13.59 -22.67
CA PRO A 259 -18.37 14.81 -21.87
C PRO A 259 -17.26 15.82 -22.02
N GLU A 260 -16.06 15.41 -22.42
CA GLU A 260 -14.95 16.35 -22.51
C GLU A 260 -15.13 17.28 -23.70
N LYS A 261 -14.24 18.27 -23.79
CA LYS A 261 -14.28 19.24 -24.89
C LYS A 261 -13.70 18.69 -26.18
N GLY A 262 -12.98 17.57 -26.13
CA GLY A 262 -12.39 16.98 -27.32
C GLY A 262 -11.93 15.58 -27.04
N ASN A 263 -11.62 14.87 -28.12
CA ASN A 263 -11.16 13.49 -28.00
C ASN A 263 -9.92 13.42 -27.12
N MET A 264 -9.86 12.38 -26.28
CA MET A 264 -8.74 12.16 -25.38
C MET A 264 -8.42 13.42 -24.57
N GLY A 265 -9.48 14.10 -24.10
CA GLY A 265 -9.29 15.30 -23.31
C GLY A 265 -8.66 15.03 -21.96
N LYS A 266 -8.84 13.82 -21.43
CA LYS A 266 -8.23 13.44 -20.16
C LYS A 266 -6.76 13.05 -20.29
N ILE A 267 -6.23 13.00 -21.52
CA ILE A 267 -4.86 12.57 -21.78
C ILE A 267 -4.04 13.68 -22.42
N LEU A 268 -4.52 14.24 -23.52
CA LEU A 268 -3.78 15.24 -24.27
C LEU A 268 -4.21 16.64 -23.85
N PRO A 269 -3.34 17.64 -24.03
CA PRO A 269 -3.74 19.02 -23.73
C PRO A 269 -4.86 19.47 -24.64
N GLU A 270 -5.46 20.60 -24.27
CA GLU A 270 -6.64 21.09 -24.99
C GLU A 270 -6.34 21.32 -26.46
N TYR A 271 -5.27 22.04 -26.76
CA TYR A 271 -4.97 22.38 -28.16
C TYR A 271 -4.79 21.14 -29.02
N LEU A 272 -4.24 20.06 -28.45
CA LEU A 272 -4.05 18.84 -29.22
C LEU A 272 -5.32 17.98 -29.21
N SER A 273 -6.06 17.97 -28.11
CA SER A 273 -7.35 17.27 -28.09
C SER A 273 -8.28 17.83 -29.16
N ASN A 274 -8.33 19.16 -29.28
CA ASN A 274 -9.19 19.77 -30.30
C ASN A 274 -8.71 19.43 -31.70
N TRP A 275 -7.39 19.42 -31.92
CA TRP A 275 -6.87 19.02 -33.22
C TRP A 275 -7.28 17.60 -33.55
N THR A 276 -7.17 16.68 -32.59
CA THR A 276 -7.53 15.30 -32.83
C THR A 276 -9.01 15.16 -33.16
N MET A 277 -9.86 15.96 -32.51
CA MET A 277 -11.29 15.90 -32.79
C MET A 277 -11.58 16.25 -34.24
N GLU A 278 -10.92 17.28 -34.76
CA GLU A 278 -11.12 17.65 -36.15
C GLU A 278 -10.63 16.56 -37.09
N LYS A 279 -9.58 15.82 -36.70
CA LYS A 279 -9.11 14.71 -37.52
C LYS A 279 -10.14 13.58 -37.55
N VAL A 280 -10.81 13.33 -36.42
CA VAL A 280 -11.82 12.29 -36.40
C VAL A 280 -13.03 12.71 -37.22
N ARG A 281 -13.41 13.99 -37.15
CA ARG A 281 -14.54 14.47 -37.93
C ARG A 281 -14.28 14.33 -39.42
N ARG A 282 -13.04 14.57 -39.86
CA ARG A 282 -12.70 14.42 -41.27
C ARG A 282 -12.70 12.97 -41.71
N GLU A 283 -12.75 12.01 -40.79
CA GLU A 283 -12.87 10.59 -41.12
C GLU A 283 -14.32 10.16 -41.24
N GLY A 284 -15.26 11.09 -41.34
CA GLY A 284 -16.66 10.74 -41.50
C GLY A 284 -17.38 10.41 -40.21
N VAL A 285 -17.06 11.13 -39.13
CA VAL A 285 -17.69 10.90 -37.83
C VAL A 285 -18.29 12.21 -37.35
N LYS A 286 -19.51 12.14 -36.82
CA LYS A 286 -20.17 13.27 -36.19
C LYS A 286 -19.81 13.27 -34.72
N VAL A 287 -18.84 14.10 -34.34
CA VAL A 287 -18.32 14.14 -32.98
C VAL A 287 -19.06 15.20 -32.19
N MET A 288 -19.68 14.80 -31.08
CA MET A 288 -20.44 15.69 -30.21
C MET A 288 -19.72 15.84 -28.88
N PRO A 289 -18.84 16.82 -28.73
CA PRO A 289 -18.20 17.04 -27.42
C PRO A 289 -19.18 17.65 -26.44
N ASN A 290 -18.73 17.77 -25.18
CA ASN A 290 -19.50 18.40 -24.12
C ASN A 290 -20.88 17.77 -23.98
N ALA A 291 -20.94 16.45 -24.13
CA ALA A 291 -22.20 15.71 -24.10
C ALA A 291 -22.19 14.75 -22.92
N ILE A 292 -23.16 14.91 -22.02
CA ILE A 292 -23.34 14.03 -20.86
C ILE A 292 -24.66 13.30 -21.05
N VAL A 293 -24.60 11.97 -21.12
CA VAL A 293 -25.80 11.18 -21.36
C VAL A 293 -26.68 11.19 -20.12
N GLN A 294 -27.94 11.59 -20.28
CA GLN A 294 -28.91 11.59 -19.20
C GLN A 294 -29.74 10.31 -19.17
N SER A 295 -30.22 9.87 -20.34
CA SER A 295 -31.05 8.69 -20.41
C SER A 295 -30.94 8.09 -21.81
N VAL A 296 -31.37 6.84 -21.93
CA VAL A 296 -31.39 6.13 -23.20
C VAL A 296 -32.67 5.32 -23.28
N GLY A 297 -33.41 5.48 -24.38
CA GLY A 297 -34.64 4.74 -24.60
C GLY A 297 -34.79 4.39 -26.06
N VAL A 298 -35.95 3.79 -26.38
CA VAL A 298 -36.31 3.41 -27.74
C VAL A 298 -37.42 4.32 -28.21
N SER A 299 -37.32 4.78 -29.45
CA SER A 299 -38.32 5.68 -30.03
C SER A 299 -38.42 5.38 -31.51
N SER A 300 -39.54 4.79 -31.93
CA SER A 300 -39.77 4.46 -33.34
C SER A 300 -38.83 3.35 -33.81
N GLY A 301 -38.56 2.38 -32.94
CA GLY A 301 -37.66 1.29 -33.24
C GLY A 301 -36.19 1.61 -33.10
N LYS A 302 -35.82 2.89 -33.08
CA LYS A 302 -34.44 3.32 -32.96
C LYS A 302 -34.14 3.75 -31.54
N LEU A 303 -32.86 3.67 -31.18
CA LEU A 303 -32.42 4.13 -29.87
C LEU A 303 -32.42 5.66 -29.81
N LEU A 304 -32.91 6.20 -28.70
CA LEU A 304 -32.97 7.64 -28.49
C LEU A 304 -32.13 7.99 -27.27
N ILE A 305 -31.10 8.81 -27.48
CA ILE A 305 -30.19 9.21 -26.41
C ILE A 305 -30.52 10.66 -26.04
N LYS A 306 -30.81 10.89 -24.77
CA LYS A 306 -31.10 12.23 -24.26
C LYS A 306 -29.88 12.73 -23.49
N LEU A 307 -29.41 13.92 -23.84
CA LEU A 307 -28.24 14.51 -23.21
C LEU A 307 -28.67 15.52 -22.16
N LYS A 308 -27.81 15.69 -21.15
CA LYS A 308 -28.14 16.59 -20.04
C LYS A 308 -28.33 18.03 -20.48
N ASP A 309 -27.83 18.39 -21.67
CA ASP A 309 -27.95 19.76 -22.17
C ASP A 309 -29.14 19.94 -23.11
N GLY A 310 -30.01 18.94 -23.23
CA GLY A 310 -31.22 19.03 -24.02
C GLY A 310 -31.11 18.42 -25.40
N ARG A 311 -29.90 18.21 -25.91
CA ARG A 311 -29.75 17.61 -27.22
C ARG A 311 -30.19 16.15 -27.21
N LYS A 312 -30.61 15.67 -28.36
CA LYS A 312 -31.07 14.30 -28.53
C LYS A 312 -30.41 13.68 -29.75
N VAL A 313 -30.02 12.42 -29.64
CA VAL A 313 -29.36 11.69 -30.70
C VAL A 313 -30.13 10.40 -30.96
N GLU A 314 -30.52 10.20 -32.22
CA GLU A 314 -31.22 8.99 -32.64
C GLU A 314 -30.25 8.08 -33.38
N THR A 315 -30.21 6.81 -32.98
CA THR A 315 -29.26 5.86 -33.57
C THR A 315 -29.84 4.45 -33.47
N ASP A 316 -29.15 3.51 -34.13
CA ASP A 316 -29.59 2.13 -34.18
C ASP A 316 -28.80 1.21 -33.25
N HIS A 317 -27.58 1.58 -32.89
CA HIS A 317 -26.75 0.74 -32.03
C HIS A 317 -25.76 1.65 -31.29
N ILE A 318 -25.47 1.29 -30.04
CA ILE A 318 -24.57 2.05 -29.19
C ILE A 318 -23.36 1.19 -28.84
N VAL A 319 -22.17 1.79 -28.89
CA VAL A 319 -20.94 1.17 -28.42
C VAL A 319 -20.43 2.01 -27.25
N ALA A 320 -20.37 1.41 -26.07
CA ALA A 320 -19.93 2.10 -24.86
C ALA A 320 -18.45 1.78 -24.65
N ALA A 321 -17.61 2.80 -24.74
CA ALA A 321 -16.18 2.70 -24.47
C ALA A 321 -15.88 3.70 -23.36
N VAL A 322 -16.23 3.33 -22.13
CA VAL A 322 -16.17 4.23 -20.99
C VAL A 322 -15.34 3.63 -19.86
N GLY A 323 -14.18 3.09 -20.18
CA GLY A 323 -13.23 2.66 -19.17
C GLY A 323 -13.32 1.19 -18.84
N LEU A 324 -12.54 0.82 -17.82
CA LEU A 324 -12.34 -0.58 -17.46
C LEU A 324 -12.39 -0.74 -15.96
N GLU A 325 -12.90 -1.89 -15.51
CA GLU A 325 -12.94 -2.23 -14.09
C GLU A 325 -12.03 -3.43 -13.85
N PRO A 326 -11.01 -3.32 -12.98
CA PRO A 326 -10.13 -4.47 -12.75
C PRO A 326 -10.90 -5.66 -12.19
N ASN A 327 -10.54 -6.85 -12.65
CA ASN A 327 -11.14 -8.09 -12.17
C ASN A 327 -10.41 -8.52 -10.90
N VAL A 328 -10.96 -8.13 -9.75
CA VAL A 328 -10.36 -8.40 -8.46
C VAL A 328 -11.22 -9.33 -7.63
N GLU A 329 -12.10 -10.12 -8.27
CA GLU A 329 -12.99 -11.00 -7.53
C GLU A 329 -12.22 -11.95 -6.62
N LEU A 330 -11.08 -12.46 -7.10
CA LEU A 330 -10.31 -13.42 -6.33
C LEU A 330 -9.68 -12.83 -5.08
N ALA A 331 -9.68 -11.50 -4.92
CA ALA A 331 -9.09 -10.90 -3.73
C ALA A 331 -9.85 -11.28 -2.48
N LYS A 332 -11.15 -11.55 -2.60
CA LYS A 332 -11.95 -11.88 -1.43
C LYS A 332 -11.53 -13.22 -0.84
N THR A 333 -11.69 -14.30 -1.60
CA THR A 333 -11.33 -15.62 -1.09
C THR A 333 -9.84 -15.71 -0.76
N GLY A 334 -9.00 -15.01 -1.52
CA GLY A 334 -7.57 -15.06 -1.29
C GLY A 334 -7.06 -14.13 -0.22
N GLY A 335 -7.92 -13.26 0.32
CA GLY A 335 -7.48 -12.30 1.32
C GLY A 335 -6.39 -11.39 0.81
N LEU A 336 -6.47 -10.98 -0.45
CA LEU A 336 -5.48 -10.11 -1.07
C LEU A 336 -5.93 -8.65 -0.97
N GLU A 337 -4.95 -7.76 -0.84
CA GLU A 337 -5.23 -6.34 -0.69
C GLU A 337 -5.56 -5.71 -2.03
N ILE A 338 -6.61 -4.90 -2.04
CA ILE A 338 -7.00 -4.12 -3.21
C ILE A 338 -6.61 -2.67 -2.97
N ASP A 339 -6.16 -1.98 -4.01
CA ASP A 339 -5.79 -0.59 -3.88
C ASP A 339 -7.02 0.30 -4.02
N SER A 340 -7.26 1.14 -3.02
CA SER A 340 -8.45 1.99 -3.00
C SER A 340 -8.37 3.15 -3.98
N ASP A 341 -7.16 3.66 -4.24
CA ASP A 341 -7.02 4.85 -5.08
C ASP A 341 -7.05 4.51 -6.56
N PHE A 342 -6.31 3.46 -6.97
CA PHE A 342 -6.20 3.09 -8.37
C PHE A 342 -7.01 1.86 -8.73
N GLY A 343 -7.55 1.13 -7.75
CA GLY A 343 -8.15 -0.15 -8.01
C GLY A 343 -7.12 -1.22 -8.32
N GLY A 344 -7.54 -2.47 -8.42
CA GLY A 344 -6.64 -3.55 -8.75
C GLY A 344 -5.94 -4.14 -7.52
N PHE A 345 -5.15 -5.17 -7.78
CA PHE A 345 -4.38 -5.83 -6.72
C PHE A 345 -3.16 -4.99 -6.39
N ARG A 346 -3.02 -4.63 -5.11
CA ARG A 346 -1.84 -3.89 -4.66
C ARG A 346 -0.65 -4.83 -4.56
N VAL A 347 0.39 -4.56 -5.34
CA VAL A 347 1.63 -5.32 -5.30
C VAL A 347 2.79 -4.34 -5.15
N ASN A 348 3.98 -4.88 -4.93
CA ASN A 348 5.16 -4.07 -4.71
C ASN A 348 5.88 -3.82 -6.03
N ALA A 349 7.12 -3.33 -5.97
CA ALA A 349 7.87 -3.02 -7.18
C ALA A 349 8.18 -4.27 -7.98
N GLU A 350 8.27 -5.43 -7.34
CA GLU A 350 8.52 -6.69 -8.01
C GLU A 350 7.24 -7.36 -8.49
N LEU A 351 6.10 -6.67 -8.41
CA LEU A 351 4.80 -7.18 -8.81
C LEU A 351 4.33 -8.34 -7.94
N GLN A 352 4.93 -8.51 -6.76
CA GLN A 352 4.57 -9.59 -5.86
C GLN A 352 3.51 -9.12 -4.87
N ALA A 353 2.55 -10.00 -4.60
CA ALA A 353 1.51 -9.77 -3.59
C ALA A 353 1.76 -10.56 -2.32
N ARG A 354 2.04 -11.85 -2.46
CA ARG A 354 2.38 -12.72 -1.35
C ARG A 354 3.55 -13.61 -1.77
N SER A 355 3.95 -14.52 -0.89
CA SER A 355 5.19 -15.27 -1.09
C SER A 355 5.25 -15.96 -2.45
N ASN A 356 4.15 -16.57 -2.88
CA ASN A 356 4.14 -17.33 -4.13
C ASN A 356 3.09 -16.83 -5.11
N ILE A 357 2.76 -15.53 -5.06
CA ILE A 357 1.69 -14.98 -5.89
C ILE A 357 2.13 -13.62 -6.41
N TRP A 358 2.08 -13.45 -7.73
CA TRP A 358 2.36 -12.19 -8.39
C TRP A 358 1.13 -11.72 -9.16
N VAL A 359 1.13 -10.46 -9.57
CA VAL A 359 0.06 -9.88 -10.37
C VAL A 359 0.68 -9.04 -11.49
N ALA A 360 0.13 -9.17 -12.69
CA ALA A 360 0.60 -8.42 -13.84
C ALA A 360 -0.59 -7.95 -14.68
N GLY A 361 -0.33 -6.99 -15.55
CA GLY A 361 -1.33 -6.53 -16.48
C GLY A 361 -2.21 -5.41 -15.95
N ASP A 362 -3.37 -5.26 -16.60
CA ASP A 362 -4.31 -4.21 -16.22
C ASP A 362 -4.71 -4.30 -14.75
N ALA A 363 -4.68 -5.50 -14.17
CA ALA A 363 -5.19 -5.72 -12.82
C ALA A 363 -4.16 -5.42 -11.72
N ALA A 364 -2.92 -5.09 -12.08
CA ALA A 364 -1.84 -4.94 -11.12
C ALA A 364 -1.62 -3.47 -10.79
N CYS A 365 -1.93 -3.09 -9.56
CA CYS A 365 -1.49 -1.81 -9.01
C CYS A 365 -0.15 -2.03 -8.32
N PHE A 366 0.92 -1.50 -8.91
CA PHE A 366 2.29 -1.76 -8.49
C PHE A 366 2.96 -0.48 -8.04
N TYR A 367 4.14 -0.62 -7.45
CA TYR A 367 4.95 0.52 -7.02
C TYR A 367 6.06 0.75 -8.02
N ASP A 368 6.09 1.95 -8.60
CA ASP A 368 7.15 2.37 -9.51
C ASP A 368 8.16 3.15 -8.68
N ILE A 369 9.38 2.61 -8.55
CA ILE A 369 10.38 3.25 -7.71
C ILE A 369 10.70 4.64 -8.20
N LYS A 370 10.57 4.88 -9.51
CA LYS A 370 10.85 6.19 -10.09
C LYS A 370 9.64 7.11 -10.09
N LEU A 371 8.45 6.59 -10.41
CA LEU A 371 7.28 7.41 -10.66
C LEU A 371 6.19 7.28 -9.61
N GLY A 372 6.29 6.32 -8.70
CA GLY A 372 5.30 6.15 -7.65
C GLY A 372 4.30 5.05 -7.99
N ARG A 373 3.37 4.84 -7.06
CA ARG A 373 2.39 3.79 -7.22
C ARG A 373 1.47 4.09 -8.41
N ARG A 374 1.25 3.09 -9.26
CA ARG A 374 0.49 3.26 -10.50
C ARG A 374 -0.32 2.00 -10.79
N ARG A 375 -1.27 2.13 -11.69
CA ARG A 375 -1.88 0.99 -12.37
C ARG A 375 -2.04 1.36 -13.84
N VAL A 376 -1.39 0.60 -14.72
CA VAL A 376 -1.34 0.89 -16.13
C VAL A 376 -2.16 -0.14 -16.89
N GLU A 377 -2.87 0.32 -17.92
CA GLU A 377 -3.73 -0.55 -18.72
C GLU A 377 -3.34 -0.50 -20.19
N HIS A 378 -2.08 -0.80 -20.50
CA HIS A 378 -1.55 -0.72 -21.85
C HIS A 378 -1.04 -2.09 -22.30
N HIS A 379 -1.13 -2.33 -23.61
CA HIS A 379 -0.71 -3.62 -24.15
C HIS A 379 0.75 -3.92 -23.83
N ASP A 380 1.63 -2.95 -24.07
CA ASP A 380 3.05 -3.16 -23.81
C ASP A 380 3.32 -3.31 -22.32
N HIS A 381 2.51 -2.67 -21.47
CA HIS A 381 2.68 -2.85 -20.03
C HIS A 381 2.32 -4.27 -19.62
N ALA A 382 1.28 -4.85 -20.24
CA ALA A 382 0.95 -6.24 -19.96
C ALA A 382 2.07 -7.17 -20.38
N VAL A 383 2.72 -6.86 -21.50
CA VAL A 383 3.85 -7.67 -21.94
C VAL A 383 5.04 -7.48 -21.01
N VAL A 384 5.40 -6.22 -20.72
CA VAL A 384 6.55 -5.96 -19.88
C VAL A 384 6.33 -6.51 -18.47
N SER A 385 5.22 -6.11 -17.84
CA SER A 385 4.95 -6.57 -16.49
C SER A 385 4.76 -8.08 -16.43
N GLY A 386 4.12 -8.65 -17.45
CA GLY A 386 4.03 -10.10 -17.53
C GLY A 386 5.38 -10.76 -17.66
N ARG A 387 6.24 -10.21 -18.52
N ARG A 387 6.24 -10.21 -18.53
CA ARG A 387 7.59 -10.74 -18.66
CA ARG A 387 7.59 -10.74 -18.66
C ARG A 387 8.37 -10.58 -17.36
C ARG A 387 8.35 -10.59 -17.35
N LEU A 388 8.18 -9.46 -16.66
CA LEU A 388 8.87 -9.24 -15.39
C LEU A 388 8.40 -10.23 -14.34
N ALA A 389 7.08 -10.38 -14.17
CA ALA A 389 6.56 -11.33 -13.22
C ALA A 389 7.07 -12.74 -13.51
N GLY A 390 7.10 -13.13 -14.78
CA GLY A 390 7.63 -14.43 -15.13
C GLY A 390 9.05 -14.63 -14.64
N GLU A 391 9.90 -13.61 -14.83
CA GLU A 391 11.28 -13.71 -14.36
C GLU A 391 11.33 -13.79 -12.85
N ASN A 392 10.49 -13.02 -12.15
CA ASN A 392 10.50 -13.06 -10.69
C ASN A 392 9.90 -14.36 -10.16
N MET A 393 9.03 -15.01 -10.93
CA MET A 393 8.54 -16.32 -10.53
C MET A 393 9.61 -17.40 -10.65
N THR A 394 10.71 -17.11 -11.35
CA THR A 394 11.84 -18.02 -11.44
C THR A 394 13.04 -17.53 -10.65
N GLY A 395 12.83 -16.61 -9.71
CA GLY A 395 13.87 -16.20 -8.78
C GLY A 395 14.62 -14.94 -9.13
N ALA A 396 14.06 -14.05 -9.95
CA ALA A 396 14.80 -12.89 -10.41
C ALA A 396 14.81 -11.76 -9.38
N ALA A 397 13.70 -11.55 -8.67
CA ALA A 397 13.57 -10.47 -7.70
C ALA A 397 13.91 -9.12 -8.34
N LYS A 398 13.35 -8.89 -9.54
CA LYS A 398 13.65 -7.65 -10.27
C LYS A 398 12.49 -6.66 -10.15
N PRO A 399 12.77 -5.38 -9.90
CA PRO A 399 11.70 -4.39 -9.84
C PRO A 399 11.34 -3.83 -11.21
N TYR A 400 10.12 -3.30 -11.29
CA TYR A 400 9.68 -2.61 -12.50
C TYR A 400 10.60 -1.44 -12.77
N TRP A 401 11.36 -1.50 -13.87
CA TRP A 401 12.39 -0.51 -14.15
C TRP A 401 12.27 -0.02 -15.58
N HIS A 402 12.18 -0.95 -16.54
CA HIS A 402 12.00 -0.60 -17.94
C HIS A 402 10.57 -0.11 -18.15
N GLN A 403 10.43 1.17 -18.47
CA GLN A 403 9.11 1.77 -18.63
C GLN A 403 8.45 1.29 -19.91
N SER A 404 7.24 0.73 -19.78
CA SER A 404 6.49 0.31 -20.95
C SER A 404 5.99 1.54 -21.71
N MET A 405 5.75 1.34 -23.01
CA MET A 405 5.34 2.42 -23.90
C MET A 405 3.88 2.23 -24.31
N PHE A 406 3.26 3.33 -24.70
CA PHE A 406 1.88 3.34 -25.18
C PHE A 406 1.86 3.88 -26.60
N TRP A 407 0.89 3.42 -27.39
CA TRP A 407 0.71 3.95 -28.73
C TRP A 407 -0.76 3.92 -29.09
N SER A 408 -1.13 4.78 -30.04
CA SER A 408 -2.48 4.82 -30.59
C SER A 408 -2.40 5.32 -32.02
N ASP A 409 -3.17 4.69 -32.90
CA ASP A 409 -3.23 5.06 -34.30
C ASP A 409 -4.68 5.38 -34.66
N LEU A 410 -4.90 6.57 -35.20
CA LEU A 410 -6.19 6.93 -35.77
C LEU A 410 -6.12 6.89 -37.29
N GLY A 411 -5.83 5.70 -37.80
CA GLY A 411 -5.53 5.50 -39.20
C GLY A 411 -4.03 5.57 -39.43
N PRO A 412 -3.60 5.30 -40.66
CA PRO A 412 -2.17 5.40 -40.99
C PRO A 412 -1.64 6.81 -41.16
N ASP A 413 -2.45 7.83 -40.87
CA ASP A 413 -2.05 9.22 -40.99
C ASP A 413 -1.66 9.85 -39.65
N VAL A 414 -2.39 9.54 -38.58
CA VAL A 414 -2.16 10.10 -37.26
C VAL A 414 -1.70 8.98 -36.34
N GLY A 415 -0.58 9.21 -35.65
CA GLY A 415 -0.04 8.23 -34.73
C GLY A 415 0.49 8.85 -33.45
N TYR A 416 0.14 8.25 -32.31
CA TYR A 416 0.58 8.71 -31.01
C TYR A 416 1.42 7.65 -30.33
N GLU A 417 2.42 8.10 -29.58
CA GLU A 417 3.20 7.25 -28.69
C GLU A 417 3.40 7.98 -27.37
N ALA A 418 3.28 7.24 -26.27
CA ALA A 418 3.34 7.82 -24.95
C ALA A 418 4.14 6.91 -24.03
N ILE A 419 4.69 7.52 -22.98
CA ILE A 419 5.49 6.79 -21.99
C ILE A 419 5.51 7.59 -20.71
N GLY A 420 5.41 6.91 -19.59
CA GLY A 420 5.42 7.55 -18.30
C GLY A 420 4.06 8.03 -17.86
N LEU A 421 4.07 9.00 -16.95
CA LEU A 421 2.83 9.57 -16.40
C LEU A 421 2.31 10.61 -17.38
N VAL A 422 1.27 10.26 -18.12
CA VAL A 422 0.63 11.17 -19.08
C VAL A 422 -0.78 11.44 -18.61
N ASP A 423 -1.06 12.70 -18.30
CA ASP A 423 -2.37 13.10 -17.79
C ASP A 423 -2.54 14.59 -18.06
N SER A 424 -3.68 14.95 -18.65
CA SER A 424 -3.91 16.35 -19.00
C SER A 424 -3.97 17.25 -17.78
N SER A 425 -4.19 16.68 -16.59
CA SER A 425 -4.20 17.48 -15.36
C SER A 425 -2.80 17.88 -14.93
N LEU A 426 -1.77 17.19 -15.43
CA LEU A 426 -0.40 17.58 -15.13
C LEU A 426 0.03 18.74 -16.03
N PRO A 427 0.96 19.58 -15.55
CA PRO A 427 1.46 20.66 -16.41
C PRO A 427 2.18 20.11 -17.62
N THR A 428 1.91 20.69 -18.78
CA THR A 428 2.43 20.20 -20.05
C THR A 428 3.15 21.31 -20.80
N VAL A 429 4.12 20.91 -21.62
CA VAL A 429 4.85 21.82 -22.50
C VAL A 429 5.01 21.11 -23.85
N GLY A 430 4.47 21.70 -24.89
CA GLY A 430 4.47 21.11 -26.23
C GLY A 430 5.37 21.87 -27.18
N VAL A 431 6.16 21.13 -27.96
CA VAL A 431 7.04 21.69 -28.97
C VAL A 431 6.68 21.01 -30.28
N PHE A 432 6.17 21.79 -31.23
CA PHE A 432 5.66 21.27 -32.50
C PHE A 432 6.42 21.90 -33.66
N ALA A 433 6.32 21.24 -34.82
CA ALA A 433 6.96 21.72 -36.03
C ALA A 433 6.10 21.40 -37.24
N GLY A 485 1.59 19.31 -37.40
CA GLY A 485 2.09 18.12 -38.06
C GLY A 485 2.66 17.10 -37.10
N LYS A 486 3.69 17.50 -36.36
CA LYS A 486 4.33 16.61 -35.40
C LYS A 486 4.83 17.44 -34.22
N GLY A 487 5.20 16.75 -33.15
CA GLY A 487 5.73 17.43 -31.98
C GLY A 487 5.83 16.48 -30.81
N VAL A 488 6.35 17.03 -29.71
CA VAL A 488 6.55 16.30 -28.47
C VAL A 488 5.91 17.10 -27.34
N ILE A 489 5.22 16.41 -26.44
CA ILE A 489 4.56 17.04 -25.30
C ILE A 489 5.15 16.45 -24.03
N PHE A 490 5.77 17.31 -23.23
CA PHE A 490 6.39 16.91 -21.97
C PHE A 490 5.40 17.09 -20.83
N TYR A 491 5.26 16.06 -20.00
CA TYR A 491 4.44 16.13 -18.80
C TYR A 491 5.34 16.27 -17.59
N LEU A 492 5.10 17.31 -16.79
CA LEU A 492 6.05 17.75 -15.77
C LEU A 492 5.49 17.52 -14.37
N ARG A 493 6.40 17.24 -13.44
CA ARG A 493 6.06 17.13 -12.02
C ARG A 493 7.33 17.42 -11.23
N ASP A 494 7.33 18.52 -10.48
CA ASP A 494 8.50 18.95 -9.71
C ASP A 494 9.62 19.40 -10.63
N LYS A 495 9.26 20.06 -11.74
CA LYS A 495 10.22 20.58 -12.71
C LYS A 495 10.99 19.47 -13.40
N VAL A 496 10.46 18.25 -13.40
CA VAL A 496 11.10 17.10 -14.03
C VAL A 496 10.09 16.45 -14.97
N VAL A 497 10.59 15.96 -16.10
CA VAL A 497 9.74 15.27 -17.08
C VAL A 497 9.42 13.88 -16.56
N VAL A 498 8.13 13.63 -16.31
CA VAL A 498 7.67 12.31 -15.90
C VAL A 498 6.84 11.61 -16.96
N GLY A 499 6.50 12.29 -18.04
CA GLY A 499 5.74 11.69 -19.12
C GLY A 499 6.00 12.41 -20.43
N ILE A 500 5.95 11.65 -21.52
CA ILE A 500 6.19 12.19 -22.86
C ILE A 500 5.15 11.62 -23.81
N VAL A 501 4.61 12.47 -24.67
CA VAL A 501 3.72 12.06 -25.75
C VAL A 501 4.37 12.48 -27.06
N LEU A 502 4.63 11.52 -27.94
CA LEU A 502 5.21 11.78 -29.25
C LEU A 502 4.09 11.83 -30.27
N TRP A 503 3.92 12.97 -30.93
CA TRP A 503 2.87 13.18 -31.92
C TRP A 503 3.49 13.04 -33.31
N ASN A 504 3.15 11.96 -34.01
CA ASN A 504 3.66 11.69 -35.36
C ASN A 504 5.19 11.64 -35.37
N ILE A 505 5.79 11.17 -34.28
CA ILE A 505 7.23 10.96 -34.19
C ILE A 505 7.45 9.52 -33.78
N PHE A 506 8.19 8.78 -34.61
CA PHE A 506 8.36 7.35 -34.43
C PHE A 506 9.84 7.00 -34.41
N ASN A 507 10.15 5.81 -33.89
CA ASN A 507 11.51 5.29 -33.83
C ASN A 507 12.39 6.14 -32.91
N ARG A 508 11.77 6.76 -31.89
CA ARG A 508 12.54 7.54 -30.93
C ARG A 508 12.03 7.32 -29.50
N MET A 509 11.27 6.25 -29.27
CA MET A 509 10.85 5.95 -27.91
C MET A 509 12.03 5.73 -26.97
N PRO A 510 13.14 5.08 -27.38
CA PRO A 510 14.28 4.97 -26.46
C PRO A 510 14.79 6.30 -25.97
N ILE A 511 14.74 7.36 -26.80
CA ILE A 511 15.15 8.68 -26.34
C ILE A 511 14.20 9.17 -25.25
N ALA A 512 12.89 9.00 -25.46
CA ALA A 512 11.93 9.42 -24.44
C ALA A 512 12.12 8.63 -23.15
N ARG A 513 12.37 7.33 -23.25
CA ARG A 513 12.58 6.51 -22.06
C ARG A 513 13.79 6.99 -21.27
N LYS A 514 14.88 7.33 -21.97
CA LYS A 514 16.08 7.79 -21.28
C LYS A 514 15.84 9.13 -20.58
N ILE A 515 15.05 10.01 -21.18
CA ILE A 515 14.77 11.31 -20.57
C ILE A 515 14.06 11.12 -19.23
N ILE A 516 13.02 10.29 -19.22
CA ILE A 516 12.27 10.08 -17.99
C ILE A 516 13.11 9.36 -16.94
N LYS A 517 14.03 8.49 -17.37
CA LYS A 517 14.86 7.78 -16.43
C LYS A 517 15.88 8.70 -15.78
N ASP A 518 16.51 9.57 -16.56
CA ASP A 518 17.53 10.46 -16.01
C ASP A 518 16.95 11.41 -14.97
N GLY A 519 15.66 11.74 -15.09
CA GLY A 519 15.03 12.62 -14.12
C GLY A 519 15.74 13.94 -13.94
N GLU A 520 16.33 14.48 -15.00
CA GLU A 520 17.05 15.74 -14.90
C GLU A 520 16.11 16.92 -15.01
N GLN A 521 16.48 18.03 -14.37
CA GLN A 521 15.73 19.27 -14.45
C GLN A 521 16.24 20.06 -15.64
N HIS A 522 15.49 20.04 -16.73
CA HIS A 522 15.91 20.67 -17.99
C HIS A 522 15.54 22.15 -17.97
N GLU A 523 16.51 23.00 -18.30
CA GLU A 523 16.26 24.44 -18.33
C GLU A 523 15.42 24.82 -19.54
N ASP A 524 15.87 24.46 -20.74
CA ASP A 524 15.19 24.79 -21.98
C ASP A 524 14.70 23.49 -22.62
N LEU A 525 13.38 23.27 -22.58
CA LEU A 525 12.79 22.09 -23.21
C LEU A 525 12.88 22.13 -24.72
N ASN A 526 13.17 23.29 -25.31
CA ASN A 526 13.37 23.35 -26.77
C ASN A 526 14.62 22.57 -27.16
N GLU A 527 15.67 22.62 -26.35
CA GLU A 527 16.85 21.82 -26.63
C GLU A 527 16.58 20.34 -26.47
N VAL A 528 15.70 19.96 -25.55
CA VAL A 528 15.32 18.56 -25.41
C VAL A 528 14.49 18.12 -26.61
N ALA A 529 13.62 19.02 -27.11
CA ALA A 529 12.83 18.69 -28.29
C ALA A 529 13.71 18.42 -29.49
N LYS A 530 14.90 19.04 -29.54
CA LYS A 530 15.81 18.79 -30.65
C LYS A 530 16.25 17.33 -30.69
N LEU A 531 16.22 16.65 -29.54
CA LEU A 531 16.55 15.23 -29.53
C LEU A 531 15.57 14.41 -30.35
N PHE A 532 14.34 14.91 -30.52
CA PHE A 532 13.33 14.25 -31.33
C PHE A 532 13.25 14.84 -32.74
N ASN A 533 14.32 15.49 -33.19
CA ASN A 533 14.37 16.08 -34.53
C ASN A 533 13.28 17.13 -34.70
N ILE A 534 13.08 17.94 -33.67
CA ILE A 534 12.11 19.04 -33.69
C ILE A 534 12.91 20.33 -33.53
N HIS A 535 12.93 21.14 -34.59
CA HIS A 535 13.68 22.39 -34.57
C HIS A 535 12.80 23.55 -35.04
N VAL A 540 5.86 26.78 -29.49
CA VAL A 540 5.97 26.26 -28.13
C VAL A 540 4.76 26.69 -27.31
N LEU A 541 3.92 25.71 -26.96
CA LEU A 541 2.71 25.94 -26.18
C LEU A 541 2.86 25.33 -24.79
N PHE A 542 1.97 25.73 -23.89
CA PHE A 542 2.01 25.26 -22.51
C PHE A 542 0.59 25.20 -21.97
N GLN A 543 0.43 24.39 -20.92
CA GLN A 543 -0.88 24.22 -20.29
C GLN A 543 -0.74 23.52 -18.93
N ALA B 52 33.11 -5.62 12.44
CA ALA B 52 32.21 -5.34 11.33
C ALA B 52 32.50 -6.26 10.14
N PRO B 53 31.80 -7.39 10.08
CA PRO B 53 32.01 -8.31 8.94
C PRO B 53 31.64 -7.66 7.62
N SER B 54 32.03 -8.34 6.54
CA SER B 54 31.70 -7.88 5.19
C SER B 54 30.41 -8.49 4.67
N HIS B 55 30.06 -9.69 5.13
CA HIS B 55 28.84 -10.36 4.71
C HIS B 55 28.22 -11.07 5.91
N VAL B 56 26.89 -11.00 6.00
CA VAL B 56 26.16 -11.66 7.09
C VAL B 56 24.91 -12.28 6.51
N PRO B 57 24.55 -13.52 6.88
CA PRO B 57 23.30 -14.09 6.36
C PRO B 57 22.07 -13.30 6.74
N PHE B 58 21.93 -12.93 8.01
CA PHE B 58 20.77 -12.21 8.51
C PHE B 58 21.20 -10.88 9.10
N LEU B 59 20.74 -9.79 8.50
CA LEU B 59 21.06 -8.43 8.96
C LEU B 59 19.78 -7.78 9.47
N LEU B 60 19.78 -7.40 10.74
CA LEU B 60 18.65 -6.73 11.37
C LEU B 60 19.05 -5.28 11.66
N ILE B 61 18.35 -4.34 11.03
CA ILE B 61 18.66 -2.92 11.16
C ILE B 61 17.83 -2.36 12.32
N GLY B 62 18.52 -1.85 13.34
CA GLY B 62 17.86 -1.40 14.55
C GLY B 62 17.98 -2.44 15.64
N GLY B 63 18.27 -2.01 16.86
CA GLY B 63 18.50 -2.94 17.96
C GLY B 63 17.47 -2.84 19.07
N GLY B 64 16.19 -2.83 18.71
CA GLY B 64 15.13 -2.70 19.68
C GLY B 64 14.38 -3.99 19.92
N THR B 65 13.11 -3.87 20.33
CA THR B 65 12.32 -5.06 20.67
C THR B 65 12.05 -5.93 19.45
N ALA B 66 11.68 -5.31 18.33
CA ALA B 66 11.37 -6.10 17.14
C ALA B 66 12.61 -6.84 16.63
N ALA B 67 13.76 -6.17 16.64
CA ALA B 67 14.98 -6.80 16.14
C ALA B 67 15.38 -7.99 17.02
N PHE B 68 15.25 -7.85 18.34
CA PHE B 68 15.64 -8.94 19.22
C PHE B 68 14.72 -10.14 19.06
N ALA B 69 13.41 -9.91 19.00
CA ALA B 69 12.48 -11.01 18.81
C ALA B 69 12.73 -11.72 17.48
N ALA B 70 13.14 -10.97 16.46
CA ALA B 70 13.42 -11.59 15.17
C ALA B 70 14.68 -12.45 15.24
N ALA B 71 15.73 -11.96 15.89
CA ALA B 71 16.94 -12.76 16.06
C ALA B 71 16.64 -14.04 16.82
N ARG B 72 15.87 -13.94 17.91
CA ARG B 72 15.50 -15.14 18.65
C ARG B 72 14.68 -16.09 17.78
N SER B 73 13.77 -15.56 16.98
CA SER B 73 12.95 -16.40 16.11
C SER B 73 13.80 -17.08 15.04
N ILE B 74 14.75 -16.34 14.46
CA ILE B 74 15.61 -16.91 13.43
C ILE B 74 16.45 -18.04 14.02
N ARG B 75 17.04 -17.81 15.20
CA ARG B 75 17.86 -18.83 15.84
C ARG B 75 17.04 -20.08 16.17
N ALA B 76 15.77 -19.90 16.54
CA ALA B 76 14.94 -21.04 16.90
C ALA B 76 14.66 -21.93 15.69
N ARG B 77 14.42 -21.32 14.53
CA ARG B 77 14.11 -22.09 13.33
C ARG B 77 15.36 -22.54 12.57
N ASP B 78 16.47 -21.84 12.73
CA ASP B 78 17.74 -22.18 12.07
C ASP B 78 18.83 -22.14 13.13
N PRO B 79 19.02 -23.24 13.88
CA PRO B 79 19.93 -23.21 15.04
C PRO B 79 21.37 -22.85 14.69
N GLY B 80 21.76 -22.87 13.42
CA GLY B 80 23.07 -22.44 13.00
C GLY B 80 23.13 -21.04 12.44
N ALA B 81 22.04 -20.28 12.52
CA ALA B 81 21.98 -18.98 11.88
C ALA B 81 23.02 -18.03 12.46
N ARG B 82 23.51 -17.13 11.61
CA ARG B 82 24.44 -16.08 12.00
C ARG B 82 23.72 -14.74 11.79
N VAL B 83 23.33 -14.11 12.88
CA VAL B 83 22.49 -12.91 12.85
C VAL B 83 23.29 -11.73 13.38
N LEU B 84 23.29 -10.63 12.63
CA LEU B 84 23.96 -9.40 13.03
C LEU B 84 22.92 -8.30 13.20
N ILE B 85 22.92 -7.67 14.38
CA ILE B 85 22.08 -6.53 14.67
C ILE B 85 22.94 -5.28 14.61
N VAL B 86 22.48 -4.28 13.85
CA VAL B 86 23.14 -2.98 13.76
C VAL B 86 22.27 -1.98 14.50
N SER B 87 22.79 -1.44 15.60
CA SER B 87 22.04 -0.55 16.48
C SER B 87 22.82 0.76 16.63
N GLU B 88 22.16 1.88 16.32
CA GLU B 88 22.80 3.17 16.47
C GLU B 88 23.01 3.53 17.93
N ASP B 89 22.19 2.99 18.82
CA ASP B 89 22.35 3.26 20.24
C ASP B 89 23.57 2.53 20.79
N PRO B 90 24.20 3.06 21.85
CA PRO B 90 25.33 2.35 22.46
C PRO B 90 24.91 1.17 23.33
N GLU B 91 23.62 1.02 23.60
CA GLU B 91 23.13 -0.01 24.51
C GLU B 91 22.72 -1.25 23.73
N LEU B 92 22.84 -2.40 24.39
CA LEU B 92 22.32 -3.65 23.84
C LEU B 92 20.79 -3.62 23.86
N PRO B 93 20.14 -4.49 23.10
CA PRO B 93 18.68 -4.47 23.04
C PRO B 93 18.04 -4.53 24.42
N TYR B 94 17.07 -3.64 24.63
CA TYR B 94 16.37 -3.58 25.92
C TYR B 94 14.92 -3.18 25.68
N MET B 95 14.09 -3.46 26.68
CA MET B 95 12.68 -3.12 26.64
C MET B 95 12.46 -1.72 27.23
N ARG B 96 11.50 -1.01 26.66
CA ARG B 96 11.26 0.39 27.01
C ARG B 96 10.17 0.62 28.06
N PRO B 97 9.15 -0.24 28.17
CA PRO B 97 8.05 0.05 29.10
C PRO B 97 8.53 0.41 30.50
N PRO B 98 9.51 -0.31 31.05
CA PRO B 98 9.97 0.03 32.42
C PRO B 98 10.48 1.45 32.56
N LEU B 99 10.91 2.08 31.46
CA LEU B 99 11.47 3.43 31.53
C LEU B 99 10.45 4.46 32.04
N SER B 100 9.16 4.17 31.93
CA SER B 100 8.12 5.09 32.38
C SER B 100 7.28 4.51 33.52
N LYS B 101 7.66 3.35 34.04
CA LYS B 101 6.87 2.70 35.08
C LYS B 101 7.74 2.15 36.20
N GLU B 102 8.08 0.85 36.12
CA GLU B 102 8.70 0.17 37.27
C GLU B 102 9.98 0.87 37.73
N LEU B 103 10.79 1.36 36.79
CA LEU B 103 12.07 1.94 37.16
C LEU B 103 11.91 3.18 38.03
N TRP B 104 10.72 3.78 38.08
CA TRP B 104 10.47 4.93 38.93
C TRP B 104 9.93 4.56 40.30
N PHE B 105 9.44 3.32 40.48
CA PHE B 105 8.85 2.88 41.73
C PHE B 105 9.83 1.93 42.43
N SER B 106 10.92 2.51 42.95
CA SER B 106 11.93 1.71 43.63
C SER B 106 12.73 2.62 44.54
N ASP B 107 12.88 2.21 45.81
CA ASP B 107 13.67 2.97 46.76
C ASP B 107 15.17 2.76 46.59
N ASP B 108 15.59 1.84 45.72
CA ASP B 108 17.01 1.62 45.48
C ASP B 108 17.58 2.77 44.67
N PRO B 109 18.54 3.54 45.21
CA PRO B 109 19.07 4.68 44.44
C PRO B 109 20.00 4.29 43.31
N ASN B 110 20.44 3.04 43.24
CA ASN B 110 21.36 2.58 42.20
C ASN B 110 20.64 2.07 40.96
N VAL B 111 19.31 2.19 40.89
CA VAL B 111 18.59 1.70 39.72
C VAL B 111 19.00 2.46 38.47
N THR B 112 19.31 3.75 38.60
CA THR B 112 19.75 4.52 37.44
C THR B 112 21.02 3.97 36.83
N LYS B 113 21.82 3.23 37.60
CA LYS B 113 23.04 2.59 37.11
C LYS B 113 22.83 1.13 36.73
N THR B 114 22.12 0.37 37.57
CA THR B 114 21.91 -1.05 37.29
C THR B 114 20.80 -1.27 36.27
N LEU B 115 19.84 -0.36 36.19
CA LEU B 115 18.68 -0.51 35.31
C LEU B 115 17.93 -1.81 35.60
N ARG B 116 18.03 -2.30 36.82
CA ARG B 116 17.25 -3.43 37.29
C ARG B 116 16.05 -2.93 38.07
N PHE B 117 14.89 -3.53 37.82
CA PHE B 117 13.64 -3.09 38.42
C PHE B 117 12.91 -4.30 38.98
N LYS B 118 11.96 -4.03 39.89
CA LYS B 118 11.08 -5.04 40.45
C LYS B 118 9.69 -4.85 39.87
N GLN B 119 9.15 -5.92 39.28
CA GLN B 119 7.77 -5.89 38.81
C GLN B 119 6.83 -5.59 39.98
N TRP B 120 5.60 -5.23 39.64
CA TRP B 120 4.63 -4.88 40.68
C TRP B 120 4.44 -6.00 41.70
N ASN B 121 4.76 -7.24 41.33
CA ASN B 121 4.67 -8.36 42.26
C ASN B 121 5.93 -8.55 43.10
N GLY B 122 7.02 -7.88 42.75
CA GLY B 122 8.27 -7.95 43.50
C GLY B 122 9.41 -8.63 42.78
N LYS B 123 9.11 -9.46 41.79
CA LYS B 123 10.16 -10.18 41.07
C LYS B 123 11.11 -9.19 40.40
N GLU B 124 12.40 -9.36 40.64
CA GLU B 124 13.40 -8.49 40.05
C GLU B 124 13.72 -8.94 38.63
N ARG B 125 14.01 -7.96 37.77
CA ARG B 125 14.29 -8.23 36.38
C ARG B 125 15.18 -7.14 35.81
N SER B 126 15.88 -7.47 34.74
CA SER B 126 16.75 -6.54 34.03
C SER B 126 16.00 -5.92 32.85
N ILE B 127 16.39 -4.71 32.48
CA ILE B 127 15.78 -4.04 31.34
C ILE B 127 16.25 -4.63 30.03
N TYR B 128 17.42 -5.28 30.02
CA TYR B 128 17.95 -5.87 28.81
C TYR B 128 17.30 -7.23 28.56
N PHE B 129 17.07 -7.55 27.29
CA PHE B 129 16.46 -8.83 26.96
C PHE B 129 17.37 -10.00 27.34
N GLN B 130 18.68 -9.83 27.21
CA GLN B 130 19.63 -10.89 27.53
C GLN B 130 20.89 -10.23 28.10
N PRO B 131 21.66 -10.97 28.89
CA PRO B 131 22.95 -10.45 29.36
C PRO B 131 23.93 -10.35 28.21
N PRO B 132 24.95 -9.49 28.31
CA PRO B 132 25.92 -9.38 27.20
C PRO B 132 26.53 -10.70 26.79
N SER B 133 26.71 -11.64 27.73
CA SER B 133 27.34 -12.91 27.40
C SER B 133 26.52 -13.74 26.42
N PHE B 134 25.22 -13.46 26.29
CA PHE B 134 24.39 -14.19 25.35
C PHE B 134 24.80 -13.93 23.91
N TYR B 135 25.37 -12.76 23.63
CA TYR B 135 25.73 -12.37 22.28
C TYR B 135 27.16 -12.76 21.96
N VAL B 136 27.44 -12.89 20.67
CA VAL B 136 28.79 -13.10 20.17
C VAL B 136 29.28 -11.79 19.57
N SER B 137 30.60 -11.66 19.46
CA SER B 137 31.18 -10.46 18.89
C SER B 137 30.93 -10.43 17.38
N ALA B 138 30.98 -9.21 16.82
CA ALA B 138 30.79 -9.06 15.38
C ALA B 138 31.92 -9.71 14.60
N GLN B 139 33.16 -9.58 15.08
CA GLN B 139 34.29 -10.16 14.38
C GLN B 139 34.22 -11.68 14.37
N ASP B 140 33.73 -12.28 15.45
CA ASP B 140 33.66 -13.73 15.58
C ASP B 140 32.37 -14.31 15.02
N LEU B 141 31.43 -13.48 14.57
CA LEU B 141 30.18 -14.00 14.06
C LEU B 141 30.36 -14.96 12.88
N PRO B 142 31.24 -14.68 11.91
CA PRO B 142 31.39 -15.63 10.78
C PRO B 142 32.14 -16.90 11.15
N HIS B 143 32.93 -16.90 12.23
CA HIS B 143 33.75 -18.04 12.58
C HIS B 143 33.19 -18.88 13.72
N ILE B 144 32.34 -18.30 14.56
CA ILE B 144 31.84 -19.04 15.73
C ILE B 144 31.10 -20.28 15.28
N GLU B 145 31.36 -21.40 15.95
CA GLU B 145 30.69 -22.64 15.64
C GLU B 145 29.22 -22.55 16.03
N ASN B 146 28.35 -23.04 15.15
CA ASN B 146 26.90 -23.01 15.35
C ASN B 146 26.36 -21.58 15.44
N GLY B 147 27.08 -20.62 14.86
CA GLY B 147 26.57 -19.26 14.73
C GLY B 147 26.27 -18.58 16.05
N GLY B 148 25.42 -17.57 15.96
CA GLY B 148 25.04 -16.79 17.13
C GLY B 148 24.38 -15.50 16.71
N VAL B 149 24.23 -14.61 17.69
CA VAL B 149 23.65 -13.29 17.50
C VAL B 149 24.65 -12.25 17.97
N ALA B 150 25.03 -11.34 17.08
CA ALA B 150 25.95 -10.25 17.40
C ALA B 150 25.24 -8.92 17.22
N VAL B 151 25.65 -7.93 18.01
CA VAL B 151 25.10 -6.59 17.98
C VAL B 151 26.24 -5.61 17.75
N LEU B 152 26.13 -4.81 16.70
CA LEU B 152 27.10 -3.76 16.40
C LEU B 152 26.51 -2.45 16.91
N THR B 153 26.86 -2.11 18.16
CA THR B 153 26.31 -0.93 18.80
C THR B 153 27.05 0.33 18.34
N GLY B 154 26.39 1.47 18.53
CA GLY B 154 26.99 2.74 18.15
C GLY B 154 27.21 2.94 16.67
N LYS B 155 26.46 2.22 15.83
CA LYS B 155 26.63 2.32 14.38
C LYS B 155 25.25 2.41 13.75
N LYS B 156 25.09 3.35 12.83
CA LYS B 156 23.81 3.62 12.18
C LYS B 156 23.89 3.29 10.70
N VAL B 157 22.90 2.53 10.21
CA VAL B 157 22.77 2.32 8.78
C VAL B 157 22.26 3.60 8.14
N VAL B 158 23.05 4.15 7.21
CA VAL B 158 22.73 5.43 6.59
C VAL B 158 22.35 5.29 5.11
N GLN B 159 22.59 4.13 4.50
CA GLN B 159 22.28 3.92 3.10
C GLN B 159 21.92 2.47 2.87
N LEU B 160 20.90 2.24 2.04
CA LEU B 160 20.41 0.90 1.73
C LEU B 160 20.40 0.73 0.22
N ASP B 161 21.17 -0.24 -0.27
CA ASP B 161 21.29 -0.53 -1.70
C ASP B 161 20.58 -1.87 -1.94
N VAL B 162 19.31 -1.80 -2.32
CA VAL B 162 18.51 -3.01 -2.49
C VAL B 162 19.05 -3.87 -3.61
N ARG B 163 19.45 -3.24 -4.73
CA ARG B 163 19.91 -4.00 -5.88
C ARG B 163 21.10 -4.89 -5.52
N ASP B 164 22.06 -4.36 -4.77
CA ASP B 164 23.26 -5.09 -4.41
C ASP B 164 23.19 -5.71 -3.02
N ASN B 165 22.03 -5.67 -2.37
CA ASN B 165 21.84 -6.25 -1.04
C ASN B 165 22.94 -5.79 -0.09
N MET B 166 23.13 -4.47 -0.01
CA MET B 166 24.21 -3.88 0.75
C MET B 166 23.68 -2.70 1.55
N VAL B 167 24.29 -2.48 2.71
CA VAL B 167 24.04 -1.31 3.54
C VAL B 167 25.36 -0.60 3.79
N LYS B 168 25.29 0.71 3.97
CA LYS B 168 26.45 1.53 4.29
C LYS B 168 26.25 2.17 5.66
N LEU B 169 27.24 2.01 6.53
CA LEU B 169 27.16 2.55 7.88
C LEU B 169 27.72 3.98 7.91
N ASN B 170 27.43 4.67 9.01
CA ASN B 170 27.88 6.05 9.16
C ASN B 170 29.39 6.18 9.13
N ASP B 171 30.12 5.10 9.41
CA ASP B 171 31.58 5.11 9.39
C ASP B 171 32.16 4.71 8.04
N GLY B 172 31.32 4.59 7.01
CA GLY B 172 31.77 4.26 5.67
C GLY B 172 31.78 2.78 5.36
N SER B 173 31.92 1.92 6.37
CA SER B 173 31.97 0.48 6.14
C SER B 173 30.67 0.01 5.49
N GLN B 174 30.79 -1.02 4.67
CA GLN B 174 29.67 -1.58 3.93
C GLN B 174 29.50 -3.05 4.30
N ILE B 175 28.24 -3.50 4.36
CA ILE B 175 27.91 -4.86 4.73
C ILE B 175 26.87 -5.39 3.75
N THR B 176 27.11 -6.58 3.22
CA THR B 176 26.16 -7.27 2.37
C THR B 176 25.38 -8.29 3.19
N TYR B 177 24.17 -8.60 2.73
CA TYR B 177 23.28 -9.49 3.45
C TYR B 177 22.56 -10.41 2.48
N GLU B 178 21.98 -11.47 3.02
CA GLU B 178 21.10 -12.37 2.30
C GLU B 178 19.64 -12.16 2.66
N LYS B 179 19.35 -11.92 3.94
CA LYS B 179 18.01 -11.56 4.40
C LYS B 179 18.15 -10.36 5.35
N CYS B 180 17.28 -9.38 5.17
CA CYS B 180 17.38 -8.13 5.93
C CYS B 180 16.04 -7.80 6.56
N LEU B 181 16.08 -7.34 7.81
CA LEU B 181 14.92 -6.83 8.53
C LEU B 181 15.16 -5.37 8.88
N ILE B 182 14.21 -4.52 8.57
CA ILE B 182 14.23 -3.11 8.97
C ILE B 182 13.34 -2.99 10.19
N ALA B 183 13.95 -2.69 11.34
CA ALA B 183 13.25 -2.52 12.60
C ALA B 183 13.78 -1.27 13.30
N THR B 184 13.59 -0.13 12.63
CA THR B 184 14.15 1.14 13.08
C THR B 184 13.23 1.90 14.03
N GLY B 185 12.04 1.39 14.30
CA GLY B 185 11.16 2.04 15.25
C GLY B 185 10.81 3.45 14.82
N GLY B 186 10.84 4.37 15.79
CA GLY B 186 10.52 5.75 15.51
C GLY B 186 11.14 6.68 16.53
N THR B 187 11.12 7.98 16.19
CA THR B 187 11.62 9.02 17.08
C THR B 187 10.47 9.90 17.56
N PRO B 188 10.48 10.35 18.81
CA PRO B 188 9.37 11.15 19.32
C PRO B 188 9.15 12.42 18.50
N ARG B 189 7.88 12.80 18.37
CA ARG B 189 7.54 14.04 17.70
C ARG B 189 7.80 15.22 18.62
N SER B 190 8.11 16.37 18.01
CA SER B 190 8.31 17.61 18.74
C SER B 190 7.26 18.63 18.33
N LEU B 191 6.92 19.51 19.25
CA LEU B 191 5.94 20.55 18.99
C LEU B 191 6.59 21.72 18.27
N SER B 192 5.88 22.26 17.26
CA SER B 192 6.37 23.41 16.54
C SER B 192 6.64 24.59 17.47
N ALA B 193 5.82 24.74 18.52
CA ALA B 193 6.05 25.81 19.47
C ALA B 193 7.40 25.68 20.14
N ILE B 194 7.86 24.45 20.38
CA ILE B 194 9.17 24.24 20.98
C ILE B 194 10.27 24.37 19.93
N ASP B 195 10.01 23.91 18.70
CA ASP B 195 11.02 23.97 17.65
C ASP B 195 11.41 25.41 17.35
N ARG B 196 10.44 26.33 17.39
CA ARG B 196 10.69 27.74 17.12
C ARG B 196 10.77 28.56 18.40
N ALA B 197 11.47 28.04 19.42
CA ALA B 197 11.60 28.72 20.70
C ALA B 197 13.04 28.97 21.09
N GLY B 198 14.01 28.63 20.24
CA GLY B 198 15.40 28.86 20.55
C GLY B 198 16.04 27.73 21.33
N ALA B 199 17.36 27.82 21.48
CA ALA B 199 18.10 26.80 22.21
C ALA B 199 17.77 26.83 23.70
N GLU B 200 17.42 27.99 24.23
CA GLU B 200 17.09 28.08 25.65
C GLU B 200 15.95 27.13 26.01
N VAL B 201 14.88 27.14 25.22
CA VAL B 201 13.75 26.26 25.49
C VAL B 201 14.04 24.84 25.02
N LYS B 202 14.70 24.69 23.88
CA LYS B 202 14.99 23.35 23.36
C LYS B 202 15.88 22.57 24.32
N SER B 203 16.88 23.23 24.91
CA SER B 203 17.77 22.54 25.84
C SER B 203 17.04 22.08 27.09
N ARG B 204 15.99 22.78 27.48
CA ARG B 204 15.22 22.47 28.68
C ARG B 204 13.97 21.66 28.36
N THR B 205 13.96 20.94 27.24
CA THR B 205 12.87 20.06 26.86
C THR B 205 13.41 18.66 26.62
N THR B 206 12.63 17.66 27.03
CA THR B 206 13.04 16.26 26.96
C THR B 206 12.06 15.48 26.11
N LEU B 207 12.59 14.70 25.17
CA LEU B 207 11.81 13.75 24.39
C LEU B 207 12.10 12.36 24.96
N PHE B 208 11.14 11.81 25.70
CA PHE B 208 11.36 10.59 26.48
C PHE B 208 11.25 9.37 25.57
N ARG B 209 12.34 8.61 25.47
CA ARG B 209 12.37 7.45 24.57
C ARG B 209 13.35 6.40 25.05
N LYS B 210 14.56 6.80 25.42
CA LYS B 210 15.68 5.90 25.64
C LYS B 210 16.11 5.89 27.10
N ILE B 211 17.08 5.02 27.40
CA ILE B 211 17.66 4.97 28.73
C ILE B 211 18.24 6.34 29.11
N GLY B 212 18.95 6.97 28.18
CA GLY B 212 19.53 8.27 28.45
C GLY B 212 18.49 9.30 28.85
N ASP B 213 17.29 9.23 28.26
CA ASP B 213 16.23 10.16 28.64
C ASP B 213 15.75 9.88 30.06
N PHE B 214 15.65 8.61 30.45
CA PHE B 214 15.24 8.27 31.81
C PHE B 214 16.25 8.81 32.82
N ARG B 215 17.55 8.63 32.56
CA ARG B 215 18.56 9.09 33.49
C ARG B 215 18.59 10.62 33.57
N SER B 216 18.45 11.31 32.44
CA SER B 216 18.50 12.76 32.45
C SER B 216 17.27 13.35 33.14
N LEU B 217 16.10 12.76 32.91
CA LEU B 217 14.88 13.26 33.55
C LEU B 217 14.85 12.89 35.02
N GLU B 218 15.40 11.74 35.40
CA GLU B 218 15.42 11.36 36.80
C GLU B 218 16.28 12.31 37.62
N LYS B 219 17.42 12.74 37.06
CA LYS B 219 18.26 13.70 37.76
C LYS B 219 17.59 15.07 37.82
N ILE B 220 16.94 15.49 36.73
CA ILE B 220 16.26 16.78 36.71
C ILE B 220 15.16 16.81 37.77
N SER B 221 14.48 15.67 37.97
CA SER B 221 13.45 15.61 39.01
C SER B 221 14.03 15.87 40.40
N ARG B 222 15.34 15.70 40.58
CA ARG B 222 16.00 15.92 41.85
C ARG B 222 16.76 17.24 41.90
N GLU B 223 16.53 18.13 40.94
CA GLU B 223 17.24 19.40 40.87
C GLU B 223 16.31 20.59 40.68
N VAL B 224 15.25 20.44 39.90
CA VAL B 224 14.29 21.51 39.68
C VAL B 224 13.08 21.29 40.57
N LYS B 225 12.25 22.33 40.71
CA LYS B 225 11.07 22.26 41.54
C LYS B 225 9.78 22.08 40.74
N SER B 226 9.79 22.31 39.44
CA SER B 226 8.59 22.22 38.62
C SER B 226 8.94 21.59 37.29
N ILE B 227 8.26 20.50 36.95
CA ILE B 227 8.35 19.87 35.63
C ILE B 227 6.96 19.83 35.02
N THR B 228 6.87 20.15 33.74
CA THR B 228 5.62 20.17 33.01
C THR B 228 5.65 19.11 31.92
N ILE B 229 4.62 18.27 31.89
CA ILE B 229 4.47 17.23 30.88
C ILE B 229 3.44 17.70 29.86
N ILE B 230 3.84 17.77 28.60
CA ILE B 230 2.95 18.14 27.51
C ILE B 230 2.55 16.86 26.78
N GLY B 231 1.28 16.49 26.91
CA GLY B 231 0.77 15.28 26.28
C GLY B 231 -0.11 14.48 27.23
N GLY B 232 -1.30 14.12 26.78
CA GLY B 232 -2.26 13.38 27.57
C GLY B 232 -2.31 11.89 27.28
N GLY B 233 -1.44 11.37 26.44
CA GLY B 233 -1.45 9.97 26.12
C GLY B 233 -0.95 9.11 27.27
N PHE B 234 -0.74 7.83 26.97
CA PHE B 234 -0.29 6.90 27.99
C PHE B 234 1.11 7.24 28.49
N LEU B 235 2.01 7.62 27.57
CA LEU B 235 3.35 8.03 27.99
C LEU B 235 3.29 9.24 28.91
N GLY B 236 2.58 10.28 28.49
CA GLY B 236 2.49 11.48 29.32
C GLY B 236 1.86 11.21 30.67
N SER B 237 0.85 10.34 30.71
CA SER B 237 0.17 10.05 31.97
C SER B 237 1.03 9.18 32.87
N GLU B 238 1.68 8.16 32.31
CA GLU B 238 2.56 7.32 33.11
C GLU B 238 3.69 8.14 33.73
N LEU B 239 4.28 9.06 32.97
CA LEU B 239 5.33 9.90 33.51
C LEU B 239 4.79 10.84 34.59
N ALA B 240 3.54 11.29 34.44
CA ALA B 240 2.95 12.16 35.46
C ALA B 240 2.87 11.47 36.81
N CYS B 241 2.41 10.21 36.81
CA CYS B 241 2.36 9.45 38.06
C CYS B 241 3.76 9.17 38.58
N ALA B 242 4.71 8.85 37.70
CA ALA B 242 6.07 8.59 38.12
C ALA B 242 6.70 9.84 38.72
N LEU B 243 6.69 10.94 37.97
CA LEU B 243 7.27 12.18 38.48
C LEU B 243 6.49 12.70 39.69
N GLY B 244 5.17 12.50 39.70
CA GLY B 244 4.38 12.91 40.86
C GLY B 244 4.69 12.08 42.09
N ARG B 245 5.04 10.81 41.91
CA ARG B 245 5.45 10.00 43.04
C ARG B 245 6.76 10.49 43.64
N LYS B 246 7.70 10.90 42.78
CA LYS B 246 8.93 11.51 43.28
C LYS B 246 8.68 12.89 43.88
N ALA B 247 7.68 13.61 43.36
CA ALA B 247 7.44 14.97 43.81
C ALA B 247 6.78 15.02 45.18
N ARG B 248 6.00 13.99 45.54
CA ARG B 248 5.37 13.98 46.85
C ARG B 248 6.40 13.92 47.96
N ALA B 249 7.48 13.16 47.76
CA ALA B 249 8.52 13.04 48.78
C ALA B 249 9.42 14.25 48.82
N LEU B 250 9.64 14.91 47.68
CA LEU B 250 10.51 16.08 47.61
C LEU B 250 9.78 17.39 47.78
N GLY B 251 8.45 17.39 47.73
CA GLY B 251 7.70 18.63 47.85
C GLY B 251 7.74 19.48 46.60
N THR B 252 7.96 18.87 45.43
CA THR B 252 8.04 19.60 44.17
C THR B 252 6.71 19.49 43.42
N GLU B 253 6.66 20.08 42.24
CA GLU B 253 5.44 20.20 41.44
C GLU B 253 5.60 19.49 40.10
N VAL B 254 4.53 18.83 39.68
CA VAL B 254 4.44 18.22 38.36
C VAL B 254 3.14 18.69 37.71
N ILE B 255 3.23 19.14 36.46
CA ILE B 255 2.08 19.63 35.72
C ILE B 255 1.97 18.81 34.44
N GLN B 256 0.72 18.50 34.06
CA GLN B 256 0.44 17.78 32.83
C GLN B 256 -0.68 18.49 32.10
N LEU B 257 -0.38 19.02 30.91
CA LEU B 257 -1.35 19.72 30.09
C LEU B 257 -1.46 19.05 28.73
N PHE B 258 -2.67 19.04 28.19
CA PHE B 258 -2.93 18.42 26.89
C PHE B 258 -4.20 19.03 26.33
N PRO B 259 -4.41 18.94 25.01
CA PRO B 259 -5.59 19.58 24.41
C PRO B 259 -6.89 18.85 24.64
N GLU B 260 -6.85 17.57 25.03
CA GLU B 260 -8.08 16.83 25.23
C GLU B 260 -8.76 17.26 26.54
N LYS B 261 -9.98 16.74 26.75
CA LYS B 261 -10.72 17.03 27.97
C LYS B 261 -10.27 16.19 29.15
N GLY B 262 -9.58 15.08 28.90
CA GLY B 262 -9.08 14.24 29.97
C GLY B 262 -7.95 13.36 29.48
N ASN B 263 -7.32 12.69 30.44
CA ASN B 263 -6.19 11.81 30.11
C ASN B 263 -6.66 10.68 29.21
N MET B 264 -5.85 10.41 28.18
CA MET B 264 -6.17 9.37 27.19
C MET B 264 -7.57 9.59 26.61
N GLY B 265 -7.94 10.85 26.41
CA GLY B 265 -9.26 11.15 25.87
C GLY B 265 -9.46 10.61 24.46
N LYS B 266 -8.36 10.44 23.71
CA LYS B 266 -8.45 9.90 22.36
C LYS B 266 -8.68 8.40 22.35
N ILE B 267 -8.43 7.71 23.45
CA ILE B 267 -8.58 6.27 23.55
C ILE B 267 -9.79 5.89 24.40
N LEU B 268 -9.87 6.44 25.62
CA LEU B 268 -10.93 6.07 26.55
C LEU B 268 -12.12 7.02 26.44
N PRO B 269 -13.32 6.57 26.81
CA PRO B 269 -14.46 7.48 26.84
C PRO B 269 -14.30 8.53 27.93
N GLU B 270 -15.16 9.54 27.87
CA GLU B 270 -15.03 10.67 28.79
C GLU B 270 -15.22 10.24 30.24
N TYR B 271 -16.21 9.39 30.50
CA TYR B 271 -16.49 9.01 31.88
C TYR B 271 -15.31 8.29 32.52
N LEU B 272 -14.57 7.50 31.73
CA LEU B 272 -13.37 6.86 32.25
C LEU B 272 -12.14 7.75 32.11
N SER B 273 -12.09 8.59 31.07
CA SER B 273 -10.98 9.53 30.94
C SER B 273 -10.95 10.51 32.10
N ASN B 274 -12.11 10.97 32.56
CA ASN B 274 -12.15 11.90 33.68
C ASN B 274 -11.75 11.20 34.98
N TRP B 275 -12.17 9.96 35.18
CA TRP B 275 -11.72 9.21 36.34
C TRP B 275 -10.20 9.09 36.35
N THR B 276 -9.61 8.80 35.19
CA THR B 276 -8.16 8.72 35.09
C THR B 276 -7.50 10.05 35.45
N MET B 277 -8.10 11.15 35.00
CA MET B 277 -7.54 12.47 35.30
C MET B 277 -7.57 12.74 36.80
N GLU B 278 -8.64 12.33 37.48
CA GLU B 278 -8.71 12.50 38.93
C GLU B 278 -7.69 11.63 39.64
N LYS B 279 -7.47 10.41 39.13
CA LYS B 279 -6.45 9.54 39.71
C LYS B 279 -5.07 10.21 39.62
N VAL B 280 -4.70 10.69 38.43
CA VAL B 280 -3.44 11.39 38.28
C VAL B 280 -3.37 12.60 39.21
N ARG B 281 -4.49 13.32 39.34
CA ARG B 281 -4.53 14.44 40.28
C ARG B 281 -4.35 13.97 41.71
N ARG B 282 -4.85 12.78 42.04
CA ARG B 282 -4.68 12.25 43.40
C ARG B 282 -3.21 11.99 43.72
N GLU B 283 -2.37 11.80 42.70
CA GLU B 283 -0.94 11.61 42.90
C GLU B 283 -0.20 12.93 43.11
N GLY B 284 -0.90 14.05 43.20
CA GLY B 284 -0.28 15.34 43.40
C GLY B 284 0.04 16.09 42.12
N VAL B 285 -0.48 15.65 40.98
CA VAL B 285 -0.17 16.27 39.69
C VAL B 285 -1.24 17.30 39.37
N LYS B 286 -0.82 18.44 38.84
CA LYS B 286 -1.73 19.49 38.39
C LYS B 286 -2.02 19.24 36.92
N VAL B 287 -3.19 18.67 36.63
CA VAL B 287 -3.58 18.34 35.27
C VAL B 287 -4.36 19.52 34.68
N MET B 288 -3.99 19.93 33.47
CA MET B 288 -4.62 21.06 32.78
C MET B 288 -5.16 20.58 31.44
N PRO B 289 -6.39 20.09 31.40
CA PRO B 289 -6.99 19.68 30.13
C PRO B 289 -7.43 20.88 29.30
N ASN B 290 -7.87 20.60 28.08
CA ASN B 290 -8.31 21.62 27.15
C ASN B 290 -7.24 22.69 26.91
N ALA B 291 -5.97 22.27 26.97
CA ALA B 291 -4.84 23.18 26.84
C ALA B 291 -4.17 22.99 25.49
N ILE B 292 -4.11 24.05 24.70
CA ILE B 292 -3.42 24.06 23.42
C ILE B 292 -2.28 25.05 23.53
N VAL B 293 -1.05 24.58 23.32
CA VAL B 293 0.13 25.43 23.47
C VAL B 293 0.25 26.33 22.26
N GLN B 294 0.42 27.63 22.52
CA GLN B 294 0.66 28.61 21.47
C GLN B 294 2.13 28.99 21.33
N SER B 295 2.83 29.17 22.45
CA SER B 295 4.24 29.54 22.40
C SER B 295 4.88 29.15 23.73
N VAL B 296 6.21 29.04 23.70
CA VAL B 296 7.00 28.73 24.89
C VAL B 296 8.26 29.58 24.84
N GLY B 297 8.57 30.27 25.94
CA GLY B 297 9.72 31.12 26.01
C GLY B 297 10.35 31.10 27.40
N VAL B 298 11.49 31.78 27.51
CA VAL B 298 12.22 31.89 28.76
C VAL B 298 11.95 33.26 29.35
N SER B 299 11.52 33.29 30.61
CA SER B 299 11.21 34.53 31.31
C SER B 299 11.73 34.43 32.74
N SER B 300 12.67 35.31 33.09
CA SER B 300 13.24 35.34 34.43
C SER B 300 13.83 34.00 34.81
N GLY B 301 14.48 33.35 33.84
CA GLY B 301 15.12 32.06 34.07
C GLY B 301 14.17 30.87 34.05
N LYS B 302 12.87 31.09 34.13
CA LYS B 302 11.89 30.01 34.12
C LYS B 302 11.23 29.90 32.76
N LEU B 303 10.80 28.69 32.42
CA LEU B 303 10.07 28.48 31.17
C LEU B 303 8.65 29.01 31.30
N LEU B 304 8.19 29.73 30.30
CA LEU B 304 6.86 30.33 30.29
C LEU B 304 6.08 29.73 29.12
N ILE B 305 5.04 28.98 29.44
CA ILE B 305 4.19 28.33 28.44
C ILE B 305 2.93 29.16 28.28
N LYS B 306 2.65 29.59 27.05
CA LYS B 306 1.47 30.39 26.74
C LYS B 306 0.48 29.52 25.98
N LEU B 307 -0.72 29.36 26.53
CA LEU B 307 -1.75 28.54 25.93
C LEU B 307 -2.68 29.39 25.06
N LYS B 308 -3.38 28.72 24.16
CA LYS B 308 -4.27 29.43 23.23
C LYS B 308 -5.43 30.10 23.96
N ASP B 309 -5.92 29.48 25.04
CA ASP B 309 -7.07 30.02 25.77
C ASP B 309 -6.70 31.16 26.70
N GLY B 310 -5.42 31.53 26.79
CA GLY B 310 -4.99 32.67 27.57
C GLY B 310 -4.28 32.33 28.87
N ARG B 311 -4.28 31.07 29.28
CA ARG B 311 -3.60 30.69 30.50
C ARG B 311 -2.09 30.62 30.27
N LYS B 312 -1.34 30.69 31.37
CA LYS B 312 0.11 30.66 31.33
C LYS B 312 0.62 29.77 32.46
N VAL B 313 1.66 29.00 32.17
CA VAL B 313 2.21 28.03 33.10
C VAL B 313 3.69 28.31 33.26
N GLU B 314 4.12 28.54 34.50
CA GLU B 314 5.53 28.74 34.82
C GLU B 314 6.12 27.42 35.31
N THR B 315 7.24 27.02 34.71
CA THR B 315 7.85 25.74 35.04
C THR B 315 9.34 25.82 34.71
N ASP B 316 10.08 24.82 35.16
CA ASP B 316 11.53 24.76 34.98
C ASP B 316 11.97 23.82 33.88
N HIS B 317 11.20 22.77 33.61
CA HIS B 317 11.56 21.79 32.59
C HIS B 317 10.29 21.24 31.96
N ILE B 318 10.37 20.94 30.67
CA ILE B 318 9.25 20.41 29.91
C ILE B 318 9.61 19.02 29.41
N VAL B 319 8.64 18.12 29.45
CA VAL B 319 8.75 16.79 28.86
C VAL B 319 7.65 16.68 27.82
N ALA B 320 8.04 16.61 26.55
CA ALA B 320 7.10 16.53 25.45
C ALA B 320 6.82 15.07 25.10
N ALA B 321 5.58 14.64 25.28
CA ALA B 321 5.16 13.28 24.96
C ALA B 321 3.96 13.37 24.02
N VAL B 322 4.24 13.73 22.76
CA VAL B 322 3.18 14.04 21.80
C VAL B 322 3.32 13.21 20.53
N GLY B 323 3.50 11.90 20.68
CA GLY B 323 3.47 10.98 19.56
C GLY B 323 4.85 10.59 19.08
N LEU B 324 4.85 9.85 17.96
CA LEU B 324 6.05 9.22 17.43
C LEU B 324 6.07 9.36 15.91
N GLU B 325 7.26 9.57 15.36
CA GLU B 325 7.44 9.63 13.91
C GLU B 325 8.23 8.40 13.45
N PRO B 326 7.70 7.58 12.55
CA PRO B 326 8.47 6.41 12.09
C PRO B 326 9.79 6.80 11.46
N ASN B 327 10.83 6.03 11.77
CA ASN B 327 12.16 6.25 11.18
C ASN B 327 12.19 5.59 9.81
N VAL B 328 11.96 6.39 8.76
CA VAL B 328 11.90 5.88 7.40
C VAL B 328 12.95 6.54 6.51
N GLU B 329 14.02 7.06 7.10
CA GLU B 329 15.07 7.71 6.30
C GLU B 329 15.65 6.75 5.27
N LEU B 330 15.74 5.46 5.58
CA LEU B 330 16.34 4.50 4.67
C LEU B 330 15.46 4.22 3.45
N ALA B 331 14.20 4.65 3.46
CA ALA B 331 13.33 4.42 2.30
C ALA B 331 13.81 5.20 1.09
N LYS B 332 14.45 6.36 1.30
CA LYS B 332 14.88 7.19 0.18
C LYS B 332 15.92 6.47 -0.67
N THR B 333 17.06 6.14 -0.06
CA THR B 333 18.12 5.46 -0.81
C THR B 333 17.70 4.06 -1.24
N GLY B 334 16.89 3.38 -0.45
CA GLY B 334 16.48 2.03 -0.75
C GLY B 334 15.33 1.89 -1.71
N GLY B 335 14.74 2.99 -2.18
CA GLY B 335 13.61 2.91 -3.09
C GLY B 335 12.44 2.15 -2.51
N LEU B 336 12.22 2.28 -1.20
CA LEU B 336 11.14 1.58 -0.52
C LEU B 336 9.93 2.49 -0.39
N GLU B 337 8.75 1.91 -0.54
CA GLU B 337 7.52 2.68 -0.49
C GLU B 337 7.13 3.01 0.94
N ILE B 338 6.72 4.25 1.16
CA ILE B 338 6.20 4.71 2.44
C ILE B 338 4.68 4.82 2.33
N ASP B 339 3.99 4.56 3.44
CA ASP B 339 2.55 4.65 3.48
C ASP B 339 2.13 6.06 3.86
N SER B 340 1.42 6.74 2.95
CA SER B 340 1.06 8.14 3.18
C SER B 340 -0.03 8.27 4.24
N ASP B 341 -0.91 7.28 4.35
CA ASP B 341 -2.02 7.38 5.31
C ASP B 341 -1.56 7.12 6.73
N PHE B 342 -0.79 6.05 6.95
CA PHE B 342 -0.38 5.64 8.28
C PHE B 342 1.09 5.92 8.59
N GLY B 343 1.89 6.31 7.59
CA GLY B 343 3.32 6.47 7.79
C GLY B 343 4.02 5.13 7.89
N GLY B 344 5.35 5.12 7.84
CA GLY B 344 6.13 3.90 7.96
C GLY B 344 6.28 3.17 6.64
N PHE B 345 7.12 2.14 6.66
CA PHE B 345 7.35 1.31 5.48
C PHE B 345 6.10 0.48 5.16
N ARG B 346 5.66 0.54 3.92
CA ARG B 346 4.51 -0.24 3.49
C ARG B 346 4.95 -1.67 3.17
N VAL B 347 4.38 -2.64 3.86
CA VAL B 347 4.67 -4.06 3.65
C VAL B 347 3.34 -4.81 3.56
N ASN B 348 3.42 -6.05 3.10
CA ASN B 348 2.22 -6.86 2.90
C ASN B 348 1.91 -7.63 4.19
N ALA B 349 1.07 -8.66 4.09
CA ALA B 349 0.63 -9.39 5.28
C ALA B 349 1.76 -10.18 5.91
N GLU B 350 2.76 -10.57 5.12
CA GLU B 350 3.91 -11.31 5.62
C GLU B 350 5.01 -10.39 6.13
N LEU B 351 4.74 -9.09 6.23
CA LEU B 351 5.69 -8.09 6.68
C LEU B 351 6.84 -7.89 5.71
N GLN B 352 6.65 -8.29 4.45
CA GLN B 352 7.70 -8.22 3.44
C GLN B 352 7.55 -6.94 2.63
N ALA B 353 8.68 -6.32 2.30
CA ALA B 353 8.72 -5.15 1.43
C ALA B 353 9.26 -5.50 0.05
N ARG B 354 10.37 -6.23 -0.01
CA ARG B 354 10.97 -6.68 -1.26
C ARG B 354 11.39 -8.13 -1.07
N SER B 355 12.08 -8.68 -2.08
CA SER B 355 12.35 -10.11 -2.10
C SER B 355 13.07 -10.59 -0.85
N ASN B 356 14.02 -9.79 -0.35
N ASN B 356 14.03 -9.81 -0.35
CA ASN B 356 14.85 -10.17 0.79
CA ASN B 356 14.80 -10.19 0.82
C ASN B 356 14.87 -9.07 1.85
C ASN B 356 14.87 -9.05 1.83
N ILE B 357 13.77 -8.32 1.99
CA ILE B 357 13.68 -7.23 2.94
C ILE B 357 12.32 -7.29 3.63
N TRP B 358 12.33 -7.33 4.96
CA TRP B 358 11.13 -7.30 5.76
C TRP B 358 11.19 -6.10 6.71
N VAL B 359 10.04 -5.76 7.28
CA VAL B 359 9.94 -4.65 8.24
C VAL B 359 9.03 -5.09 9.38
N ALA B 360 9.43 -4.74 10.60
CA ALA B 360 8.67 -5.10 11.80
C ALA B 360 8.67 -3.94 12.78
N GLY B 361 7.81 -4.04 13.78
CA GLY B 361 7.78 -3.06 14.85
C GLY B 361 7.02 -1.79 14.47
N ASP B 362 7.34 -0.72 15.20
CA ASP B 362 6.62 0.55 15.05
C ASP B 362 6.68 1.06 13.62
N ALA B 363 7.75 0.74 12.89
CA ALA B 363 7.99 1.30 11.57
C ALA B 363 7.27 0.55 10.45
N ALA B 364 6.53 -0.50 10.77
CA ALA B 364 5.94 -1.39 9.76
C ALA B 364 4.46 -1.07 9.59
N CYS B 365 4.10 -0.53 8.43
CA CYS B 365 2.70 -0.44 8.00
C CYS B 365 2.40 -1.69 7.19
N PHE B 366 1.59 -2.59 7.76
CA PHE B 366 1.33 -3.90 7.19
C PHE B 366 -0.15 -4.05 6.86
N TYR B 367 -0.46 -5.09 6.10
CA TYR B 367 -1.83 -5.40 5.73
C TYR B 367 -2.33 -6.54 6.62
N ASP B 368 -3.32 -6.24 7.45
CA ASP B 368 -4.01 -7.24 8.25
C ASP B 368 -5.15 -7.81 7.39
N ILE B 369 -5.09 -9.11 7.12
CA ILE B 369 -6.07 -9.72 6.23
C ILE B 369 -7.48 -9.59 6.78
N LYS B 370 -7.63 -9.42 8.09
CA LYS B 370 -8.95 -9.32 8.72
C LYS B 370 -9.31 -7.91 9.15
N LEU B 371 -8.34 -7.06 9.46
CA LEU B 371 -8.60 -5.70 9.92
C LEU B 371 -8.09 -4.63 8.98
N GLY B 372 -7.61 -5.00 7.79
CA GLY B 372 -7.11 -4.02 6.85
C GLY B 372 -5.73 -3.51 7.20
N ARG B 373 -5.28 -2.52 6.42
CA ARG B 373 -3.94 -1.99 6.59
C ARG B 373 -3.84 -1.20 7.90
N ARG B 374 -2.77 -1.45 8.65
CA ARG B 374 -2.58 -0.84 9.96
C ARG B 374 -1.10 -0.55 10.19
N ARG B 375 -0.84 0.30 11.17
CA ARG B 375 0.48 0.44 11.77
C ARG B 375 0.29 0.54 13.27
N VAL B 376 1.04 -0.27 14.02
CA VAL B 376 0.86 -0.41 15.46
C VAL B 376 2.15 -0.05 16.17
N GLU B 377 2.02 0.56 17.35
CA GLU B 377 3.15 0.99 18.16
C GLU B 377 3.02 0.44 19.57
N HIS B 378 3.05 -0.89 19.68
CA HIS B 378 2.92 -1.59 20.95
C HIS B 378 4.12 -2.50 21.17
N HIS B 379 4.47 -2.68 22.44
CA HIS B 379 5.57 -3.58 22.77
C HIS B 379 5.30 -4.99 22.30
N ASP B 380 4.13 -5.53 22.64
CA ASP B 380 3.79 -6.89 22.22
C ASP B 380 3.74 -7.01 20.71
N HIS B 381 3.35 -5.94 20.01
CA HIS B 381 3.35 -5.99 18.55
C HIS B 381 4.76 -6.10 18.01
N ALA B 382 5.71 -5.36 18.59
CA ALA B 382 7.10 -5.47 18.16
C ALA B 382 7.63 -6.89 18.37
N VAL B 383 7.21 -7.54 19.45
CA VAL B 383 7.64 -8.91 19.70
C VAL B 383 7.00 -9.85 18.69
N VAL B 384 5.69 -9.73 18.49
CA VAL B 384 4.99 -10.66 17.62
C VAL B 384 5.42 -10.48 16.17
N SER B 385 5.47 -9.23 15.69
CA SER B 385 5.84 -8.98 14.31
C SER B 385 7.33 -9.26 14.09
N GLY B 386 8.17 -8.96 15.08
CA GLY B 386 9.57 -9.35 14.98
C GLY B 386 9.74 -10.85 14.89
N ARG B 387 9.02 -11.59 15.73
CA ARG B 387 9.07 -13.05 15.66
C ARG B 387 8.57 -13.55 14.31
N LEU B 388 7.41 -13.04 13.87
CA LEU B 388 6.88 -13.45 12.57
C LEU B 388 7.87 -13.15 11.45
N ALA B 389 8.41 -11.93 11.43
CA ALA B 389 9.39 -11.57 10.40
C ALA B 389 10.55 -12.54 10.41
N GLY B 390 11.09 -12.84 11.59
CA GLY B 390 12.16 -13.81 11.67
C GLY B 390 11.77 -15.16 11.08
N GLU B 391 10.55 -15.60 11.34
CA GLU B 391 10.08 -16.86 10.76
C GLU B 391 10.00 -16.77 9.24
N ASN B 392 9.45 -15.68 8.72
CA ASN B 392 9.36 -15.54 7.27
C ASN B 392 10.74 -15.38 6.63
N MET B 393 11.69 -14.81 7.36
CA MET B 393 13.06 -14.76 6.86
C MET B 393 13.71 -16.13 6.81
N THR B 394 13.08 -17.14 7.42
CA THR B 394 13.53 -18.52 7.34
C THR B 394 12.55 -19.40 6.59
N GLY B 395 11.75 -18.82 5.70
CA GLY B 395 10.91 -19.57 4.78
C GLY B 395 9.49 -19.84 5.26
N ALA B 396 9.03 -19.18 6.31
CA ALA B 396 7.71 -19.50 6.86
C ALA B 396 6.59 -19.05 5.93
N ALA B 397 6.72 -17.86 5.33
CA ALA B 397 5.70 -17.32 4.45
C ALA B 397 4.34 -17.24 5.15
N LYS B 398 4.35 -16.74 6.39
CA LYS B 398 3.16 -16.67 7.22
C LYS B 398 2.63 -15.24 7.30
N PRO B 399 1.31 -15.04 7.26
CA PRO B 399 0.76 -13.69 7.43
C PRO B 399 0.57 -13.32 8.89
N TYR B 400 0.61 -12.02 9.14
CA TYR B 400 0.32 -11.50 10.47
C TYR B 400 -1.09 -11.90 10.88
N TRP B 401 -1.20 -12.74 11.91
CA TRP B 401 -2.47 -13.35 12.28
C TRP B 401 -2.70 -13.22 13.79
N HIS B 402 -1.77 -13.74 14.59
CA HIS B 402 -1.85 -13.58 16.03
C HIS B 402 -1.77 -12.11 16.39
N GLN B 403 -2.86 -11.55 16.91
CA GLN B 403 -2.90 -10.14 17.21
C GLN B 403 -2.00 -9.82 18.41
N SER B 404 -1.78 -8.52 18.63
CA SER B 404 -0.94 -8.02 19.71
C SER B 404 -1.79 -7.20 20.67
N MET B 405 -1.53 -7.36 21.96
CA MET B 405 -2.26 -6.65 23.00
C MET B 405 -1.46 -5.44 23.47
N PHE B 406 -2.16 -4.53 24.14
CA PHE B 406 -1.58 -3.31 24.67
C PHE B 406 -1.90 -3.21 26.15
N TRP B 407 -0.99 -2.61 26.92
CA TRP B 407 -1.21 -2.43 28.34
C TRP B 407 -0.58 -1.12 28.78
N SER B 408 -1.11 -0.58 29.89
CA SER B 408 -0.56 0.60 30.52
C SER B 408 -0.86 0.55 32.01
N ASP B 409 0.10 0.96 32.82
CA ASP B 409 -0.04 1.03 34.26
C ASP B 409 0.17 2.47 34.72
N LEU B 410 -0.73 2.96 35.56
CA LEU B 410 -0.55 4.26 36.20
C LEU B 410 -0.29 4.03 37.68
N GLY B 411 0.77 3.28 37.99
CA GLY B 411 1.06 2.87 39.34
C GLY B 411 0.68 1.43 39.55
N PRO B 412 0.99 0.90 40.74
CA PRO B 412 0.62 -0.49 41.05
C PRO B 412 -0.87 -0.70 41.29
N ASP B 413 -1.70 0.34 41.19
CA ASP B 413 -3.11 0.25 41.54
C ASP B 413 -4.06 0.48 40.38
N VAL B 414 -3.60 1.02 39.25
CA VAL B 414 -4.45 1.29 38.10
C VAL B 414 -3.78 0.69 36.87
N GLY B 415 -4.48 -0.22 36.20
CA GLY B 415 -3.95 -0.87 35.02
C GLY B 415 -4.96 -1.00 33.90
N TYR B 416 -4.51 -0.76 32.67
CA TYR B 416 -5.35 -0.90 31.48
C TYR B 416 -4.76 -1.95 30.56
N GLU B 417 -5.64 -2.73 29.94
CA GLU B 417 -5.26 -3.66 28.88
C GLU B 417 -6.18 -3.44 27.69
N ALA B 418 -5.60 -3.28 26.51
CA ALA B 418 -6.34 -2.97 25.30
C ALA B 418 -5.91 -3.88 24.17
N ILE B 419 -6.84 -4.15 23.26
CA ILE B 419 -6.57 -4.99 22.09
C ILE B 419 -7.55 -4.58 20.99
N GLY B 420 -7.09 -4.70 19.74
CA GLY B 420 -7.93 -4.36 18.62
C GLY B 420 -7.93 -2.87 18.34
N LEU B 421 -9.02 -2.40 17.71
CA LEU B 421 -9.16 -1.00 17.33
C LEU B 421 -9.91 -0.27 18.43
N VAL B 422 -9.20 0.54 19.21
CA VAL B 422 -9.78 1.31 20.30
C VAL B 422 -9.66 2.79 19.96
N ASP B 423 -10.79 3.50 20.03
CA ASP B 423 -10.84 4.90 19.64
C ASP B 423 -12.06 5.52 20.29
N SER B 424 -11.86 6.60 21.05
CA SER B 424 -12.94 7.19 21.83
C SER B 424 -14.08 7.70 20.95
N SER B 425 -13.84 7.95 19.66
CA SER B 425 -14.89 8.42 18.78
C SER B 425 -15.92 7.33 18.49
N LEU B 426 -15.53 6.06 18.58
CA LEU B 426 -16.44 4.98 18.31
C LEU B 426 -17.45 4.82 19.44
N PRO B 427 -18.61 4.23 19.15
CA PRO B 427 -19.59 3.98 20.22
C PRO B 427 -19.09 2.92 21.17
N THR B 428 -19.26 3.18 22.47
CA THR B 428 -18.75 2.30 23.51
C THR B 428 -19.84 1.98 24.53
N VAL B 429 -19.71 0.83 25.15
CA VAL B 429 -20.59 0.40 26.23
C VAL B 429 -19.73 -0.23 27.31
N GLY B 430 -19.68 0.39 28.49
CA GLY B 430 -18.84 -0.08 29.57
C GLY B 430 -19.61 -0.72 30.70
N VAL B 431 -19.26 -1.96 31.03
CA VAL B 431 -19.88 -2.69 32.14
C VAL B 431 -18.87 -2.69 33.28
N PHE B 432 -19.19 -1.99 34.37
CA PHE B 432 -18.29 -1.82 35.49
C PHE B 432 -18.88 -2.44 36.74
N ALA B 433 -18.00 -2.75 37.70
CA ALA B 433 -18.40 -3.38 38.95
C ALA B 433 -17.72 -2.70 40.14
N LYS B 486 -12.98 -1.59 38.41
CA LYS B 486 -12.96 -2.73 37.49
C LYS B 486 -14.09 -2.62 36.47
N GLY B 487 -13.81 -3.06 35.24
CA GLY B 487 -14.83 -3.05 34.21
C GLY B 487 -14.22 -3.26 32.85
N VAL B 488 -15.09 -3.55 31.89
CA VAL B 488 -14.71 -3.76 30.50
C VAL B 488 -15.46 -2.76 29.64
N ILE B 489 -14.82 -2.33 28.56
CA ILE B 489 -15.38 -1.35 27.63
C ILE B 489 -15.31 -1.94 26.23
N PHE B 490 -16.49 -2.14 25.63
CA PHE B 490 -16.59 -2.68 24.28
C PHE B 490 -16.67 -1.52 23.28
N TYR B 491 -15.73 -1.47 22.35
CA TYR B 491 -15.75 -0.49 21.26
C TYR B 491 -16.50 -1.11 20.09
N LEU B 492 -17.69 -0.59 19.80
CA LEU B 492 -18.65 -1.23 18.91
C LEU B 492 -18.71 -0.52 17.57
N ARG B 493 -19.24 -1.25 16.58
CA ARG B 493 -19.52 -0.70 15.25
C ARG B 493 -20.66 -1.53 14.66
N ASP B 494 -21.90 -1.08 14.91
CA ASP B 494 -23.09 -1.78 14.45
C ASP B 494 -23.32 -3.06 15.26
N LYS B 495 -23.26 -2.93 16.59
CA LYS B 495 -23.47 -4.00 17.55
C LYS B 495 -22.35 -5.04 17.56
N VAL B 496 -21.29 -4.84 16.79
CA VAL B 496 -20.17 -5.77 16.71
C VAL B 496 -18.99 -5.18 17.48
N VAL B 497 -18.31 -6.02 18.24
CA VAL B 497 -17.17 -5.59 19.05
C VAL B 497 -15.92 -5.62 18.18
N VAL B 498 -15.30 -4.45 17.99
CA VAL B 498 -14.07 -4.35 17.22
C VAL B 498 -12.86 -4.06 18.10
N GLY B 499 -13.06 -3.61 19.34
CA GLY B 499 -11.96 -3.38 20.25
C GLY B 499 -12.44 -3.44 21.68
N ILE B 500 -11.54 -3.81 22.59
CA ILE B 500 -11.86 -3.97 24.00
C ILE B 500 -10.78 -3.31 24.84
N VAL B 501 -11.20 -2.60 25.89
CA VAL B 501 -10.30 -2.04 26.89
C VAL B 501 -10.69 -2.64 28.23
N LEU B 502 -9.77 -3.41 28.82
CA LEU B 502 -10.00 -4.02 30.12
C LEU B 502 -9.42 -3.12 31.21
N TRP B 503 -10.29 -2.61 32.07
CA TRP B 503 -9.90 -1.70 33.14
C TRP B 503 -9.77 -2.51 34.43
N ASN B 504 -8.53 -2.72 34.86
CA ASN B 504 -8.24 -3.46 36.09
C ASN B 504 -8.79 -4.89 36.03
N ILE B 505 -8.77 -5.47 34.83
CA ILE B 505 -9.09 -6.88 34.62
C ILE B 505 -7.89 -7.51 33.93
N PHE B 506 -7.32 -8.54 34.55
CA PHE B 506 -6.07 -9.12 34.10
C PHE B 506 -6.24 -10.62 33.85
N ASN B 507 -5.36 -11.14 33.01
CA ASN B 507 -5.36 -12.57 32.66
C ASN B 507 -6.61 -12.96 31.90
N ARG B 508 -7.24 -12.01 31.21
CA ARG B 508 -8.43 -12.26 30.41
C ARG B 508 -8.26 -11.82 28.96
N MET B 509 -7.02 -11.59 28.53
CA MET B 509 -6.76 -11.10 27.19
C MET B 509 -7.13 -12.13 26.13
N PRO B 510 -6.80 -13.41 26.33
CA PRO B 510 -7.21 -14.42 25.33
C PRO B 510 -8.70 -14.41 25.05
N ILE B 511 -9.53 -14.16 26.06
CA ILE B 511 -10.97 -14.10 25.84
C ILE B 511 -11.33 -12.92 24.96
N ALA B 512 -10.82 -11.74 25.29
CA ALA B 512 -11.08 -10.55 24.48
C ALA B 512 -10.61 -10.76 23.04
N ARG B 513 -9.48 -11.45 22.87
CA ARG B 513 -8.98 -11.70 21.52
C ARG B 513 -9.93 -12.58 20.72
N LYS B 514 -10.73 -13.40 21.41
CA LYS B 514 -11.71 -14.26 20.73
C LYS B 514 -13.03 -13.55 20.49
N ILE B 515 -13.46 -12.70 21.43
CA ILE B 515 -14.69 -11.94 21.25
C ILE B 515 -14.62 -11.11 19.97
N ILE B 516 -13.50 -10.43 19.77
CA ILE B 516 -13.35 -9.60 18.58
C ILE B 516 -13.18 -10.46 17.34
N LYS B 517 -12.55 -11.62 17.46
CA LYS B 517 -12.30 -12.48 16.31
C LYS B 517 -13.56 -13.19 15.83
N ASP B 518 -14.61 -13.26 16.66
CA ASP B 518 -15.85 -13.91 16.26
C ASP B 518 -16.80 -12.97 15.54
N GLY B 519 -16.76 -11.67 15.84
CA GLY B 519 -17.59 -10.72 15.14
C GLY B 519 -19.07 -10.92 15.32
N GLU B 520 -19.50 -11.62 16.36
CA GLU B 520 -20.92 -11.84 16.59
C GLU B 520 -21.58 -10.56 17.07
N GLN B 521 -22.83 -10.37 16.65
CA GLN B 521 -23.62 -9.22 17.10
C GLN B 521 -24.19 -9.52 18.48
N HIS B 522 -24.08 -8.55 19.39
CA HIS B 522 -24.49 -8.74 20.78
C HIS B 522 -25.46 -7.62 21.17
N GLU B 523 -26.66 -8.00 21.60
CA GLU B 523 -27.61 -7.05 22.17
C GLU B 523 -27.50 -6.96 23.68
N ASP B 524 -27.16 -8.07 24.34
CA ASP B 524 -26.96 -8.11 25.78
C ASP B 524 -25.46 -8.26 26.07
N LEU B 525 -24.72 -7.17 25.85
CA LEU B 525 -23.29 -7.21 26.10
C LEU B 525 -22.95 -7.48 27.56
N ASN B 526 -23.93 -7.34 28.46
CA ASN B 526 -23.70 -7.71 29.85
C ASN B 526 -23.37 -9.19 29.98
N GLU B 527 -23.87 -10.01 29.06
CA GLU B 527 -23.50 -11.42 29.05
C GLU B 527 -22.07 -11.62 28.58
N VAL B 528 -21.65 -10.87 27.56
CA VAL B 528 -20.26 -10.93 27.11
C VAL B 528 -19.33 -10.45 28.20
N ALA B 529 -19.76 -9.47 29.00
CA ALA B 529 -18.96 -9.03 30.14
C ALA B 529 -18.82 -10.12 31.18
N LYS B 530 -19.79 -11.05 31.24
CA LYS B 530 -19.68 -12.17 32.16
C LYS B 530 -18.43 -13.00 31.87
N LEU B 531 -17.96 -12.99 30.63
CA LEU B 531 -16.72 -13.68 30.29
C LEU B 531 -15.50 -13.06 30.95
N PHE B 532 -15.64 -11.88 31.54
CA PHE B 532 -14.56 -11.23 32.28
C PHE B 532 -14.87 -11.17 33.77
N ASN B 533 -15.76 -12.01 34.26
CA ASN B 533 -16.13 -12.06 35.67
C ASN B 533 -16.74 -10.73 36.12
N ILE B 534 -17.67 -10.23 35.32
CA ILE B 534 -18.39 -9.00 35.62
C ILE B 534 -19.87 -9.35 35.73
N HIS B 535 -20.41 -9.27 36.94
CA HIS B 535 -21.82 -9.61 37.17
C HIS B 535 -22.52 -8.50 37.95
N GLU B 539 -24.26 -1.06 36.42
CA GLU B 539 -23.34 0.03 36.17
C GLU B 539 -22.91 0.05 34.70
N VAL B 540 -23.87 0.26 33.80
CA VAL B 540 -23.62 0.28 32.37
C VAL B 540 -23.65 1.72 31.90
N LEU B 541 -22.53 2.19 31.35
CA LEU B 541 -22.42 3.55 30.84
C LEU B 541 -22.38 3.53 29.30
N PHE B 542 -22.80 4.64 28.70
CA PHE B 542 -22.84 4.77 27.26
C PHE B 542 -22.29 6.13 26.86
N GLN B 543 -21.49 6.15 25.79
CA GLN B 543 -20.89 7.38 25.29
C GLN B 543 -20.53 7.24 23.81
N UNK C 1 -25.04 12.11 34.94
CA UNK C 1 -25.55 11.78 36.27
C UNK C 1 -24.60 10.80 36.98
N UNK C 2 -24.79 9.51 36.71
CA UNK C 2 -23.94 8.50 37.32
C UNK C 2 -22.53 8.52 36.76
N UNK C 3 -22.34 9.06 35.55
CA UNK C 3 -21.00 9.15 34.98
C UNK C 3 -20.14 10.16 35.72
N UNK C 4 -20.74 11.24 36.21
CA UNK C 4 -19.98 12.23 36.97
C UNK C 4 -19.61 11.70 38.35
N UNK C 5 -20.51 10.91 38.97
CA UNK C 5 -20.19 10.33 40.27
C UNK C 5 -19.06 9.30 40.15
N UNK C 6 -19.08 8.49 39.09
CA UNK C 6 -18.00 7.52 38.89
C UNK C 6 -16.67 8.24 38.72
N UNK C 7 -16.64 9.28 37.90
CA UNK C 7 -15.41 10.05 37.68
C UNK C 7 -15.07 10.88 38.91
#